data_9FQW
#
_entry.id   9FQW
#
_cell.length_a   1.00
_cell.length_b   1.00
_cell.length_c   1.00
_cell.angle_alpha   90.00
_cell.angle_beta   90.00
_cell.angle_gamma   90.00
#
_symmetry.space_group_name_H-M   'P 1'
#
loop_
_entity.id
_entity.type
_entity.pdbx_description
1 polymer 'High affinity cationic amino acid transporter 1,Green fluorescent protein'
2 polymer 'Surface protein'
3 branched alpha-D-mannopyranose-(1-3)-beta-D-mannopyranose-(1-4)-2-acetamido-2-deoxy-beta-D-glucopyranose-(1-4)-[alpha-L-fucopyranose-(1-6)]2-acetamido-2-deoxy-beta-D-glucopyranose
4 branched beta-D-mannopyranose-(1-4)-2-acetamido-2-deoxy-beta-D-glucopyranose-(1-4)-2-acetamido-2-deoxy-beta-D-glucopyranose
5 branched 2-acetamido-2-deoxy-beta-D-glucopyranose-(1-4)-2-acetamido-2-deoxy-beta-D-glucopyranose
6 non-polymer 'CHOLESTEROL HEMISUCCINATE'
7 non-polymer L-ornithine
#
loop_
_entity_poly.entity_id
_entity_poly.type
_entity_poly.pdbx_seq_one_letter_code
_entity_poly.pdbx_strand_id
1 'polypeptide(L)'
;MLRRKVVDCSREESRLSRCLNTYDLVALGVGSTLGAGVYVLAGAVARENAGPAIVISFLIAALASVLAGLCYGEFGARVP
KTGSAYLYSYVTVGELWAFITGWNLILSYIIGTSSVARAWSATFDELIGKPIGEFSRQHMALNAPGVLAQTPDIFAVIII
IILTGLLTLGVKESAMVNKIFTCINVLVLCFIVVSGFVKGSIKNWQLTEKNFSCNNNDTNVKYGEGGFMPFGFSGVLSGA
ATCFYAFVGFDCIATTGEEVKNPQKAIPVGIVASLLICFIAYFGVSAALTLMMPYFCLDIDSPLPGAFKHQGWEEAKYAV
AIGSLCALSTSLLGSMFPMPRVIYAMAEDGLLFKFLAKINNRTKTPVIATVTSGAIAAVMAFLFELKDLVDLMSIGTLLA
YSLVAACVLVLRYQPEQPNLVYQMARTTEELDRVDQNELVSASESQTGFLPVAEKFSLKSILSPKNVEPSKFSGLIVNIS
AGLLAALIITVCIVAVLGREALAEGTLWAVFVMTGSVLLCMLVTGIIWRQPESKTKLSFKVPFVPVLPVLSIFVNIYLMM
QLDQGTWVRFAVWMLIGFTIYFGYGIWHSEEASLAAGQAKTPDSNLDQCKAENLYFQSGSAVSKGEELFTGVVPILVELD
GDVNGHKFSVSGEGEGDATYGKLTLKFICTTGKLPVPWPTLVTTLTYGVQCFSRYPDHMKQHDFFKSAMPEGYVQERTIF
FKDDGNYKTRAEVKFEGDTLVNRIELKGIDFKEDGNILGHKLEYNYNSHNVYIMADKQKNGIKVNFKIRHNIEDGSVQLA
DHYQQNTPIGDGPVLLPDNHYLSTQSKLSKDPNEKRDHMVLLEFVTAAGITLGMDELYKSGLRSWSHPQFEKGGGSGGGS
GGSAWSHPQFEKHHHHHHHHHH
;
A
2 'polypeptide(L)'
;MGILPSPGMPALLSLVSLLSVLLMGCVAETGAAPGSSPHQVYNITWEVTNGDRETVWAISGNHPLWTWWPVLTPDLCMLA
LSGPPHWGLEYQAPYSSPPGPPCCSGSSGSSAGCSRDCDEPLTSLTPRCNTAWNRLKLDQVTHKSSEGFYVCPGSHRPRE
AKSCGGPDSFYCASWGCETTGRVYWKPSSSWDYITVDNNLTTSQAVQVCKDNKWCNPLAIQFTNAGKQVTSWTTGHYWGL
RLYVSGRDPGLTFGIRLRYQNLGPRVPGTKHHHHHH
;
B
#
loop_
_chem_comp.id
_chem_comp.type
_chem_comp.name
_chem_comp.formula
BMA D-saccharide, beta linking beta-D-mannopyranose 'C6 H12 O6'
FUC L-saccharide, alpha linking alpha-L-fucopyranose 'C6 H12 O5'
MAN D-saccharide, alpha linking alpha-D-mannopyranose 'C6 H12 O6'
NAG D-saccharide, beta linking 2-acetamido-2-deoxy-beta-D-glucopyranose 'C8 H15 N O6'
Y01 non-polymer 'CHOLESTEROL HEMISUCCINATE' 'C31 H50 O4'
#
# COMPACT_ATOMS: atom_id res chain seq x y z
N MET A 1 0.99 14.25 -34.17
CA MET A 1 2.23 13.77 -33.58
C MET A 1 2.17 12.27 -33.34
N LEU A 2 1.79 11.52 -34.38
CA LEU A 2 1.63 10.07 -34.28
C LEU A 2 2.23 9.38 -35.49
N ARG A 3 3.40 9.84 -35.94
CA ARG A 3 4.11 9.16 -37.02
C ARG A 3 4.43 7.73 -36.60
N ARG A 4 4.18 6.79 -37.50
CA ARG A 4 4.36 5.37 -37.22
C ARG A 4 5.53 4.82 -38.03
N LYS A 5 6.41 4.08 -37.35
CA LYS A 5 7.62 3.56 -37.97
C LYS A 5 7.31 2.34 -38.84
N VAL A 6 8.12 2.17 -39.88
CA VAL A 6 8.07 0.98 -40.71
C VAL A 6 9.06 -0.03 -40.13
N VAL A 7 8.55 -1.16 -39.66
CA VAL A 7 9.38 -2.16 -39.02
C VAL A 7 10.38 -2.74 -40.00
N CYS A 19 19.80 -21.07 -29.42
CA CYS A 19 18.58 -20.30 -29.20
C CYS A 19 18.02 -20.56 -27.81
N LEU A 20 17.54 -19.50 -27.16
CA LEU A 20 17.02 -19.62 -25.81
C LEU A 20 15.75 -20.45 -25.81
N ASN A 21 15.64 -21.35 -24.83
CA ASN A 21 14.44 -22.13 -24.62
C ASN A 21 13.52 -21.42 -23.64
N THR A 22 12.35 -22.01 -23.37
CA THR A 22 11.45 -21.45 -22.37
C THR A 22 12.14 -21.39 -21.01
N TYR A 23 12.90 -22.42 -20.66
CA TYR A 23 13.59 -22.44 -19.38
C TYR A 23 14.62 -21.33 -19.28
N ASP A 24 15.31 -21.03 -20.40
CA ASP A 24 16.29 -19.96 -20.39
C ASP A 24 15.61 -18.61 -20.12
N LEU A 25 14.47 -18.36 -20.77
CA LEU A 25 13.75 -17.12 -20.53
C LEU A 25 13.24 -17.05 -19.09
N VAL A 26 12.77 -18.17 -18.55
CA VAL A 26 12.32 -18.21 -17.16
C VAL A 26 13.48 -17.85 -16.23
N ALA A 27 14.65 -18.44 -16.48
CA ALA A 27 15.82 -18.14 -15.65
C ALA A 27 16.21 -16.67 -15.75
N LEU A 28 16.19 -16.12 -16.96
CA LEU A 28 16.54 -14.71 -17.12
C LEU A 28 15.57 -13.82 -16.35
N GLY A 29 14.28 -14.07 -16.48
CA GLY A 29 13.30 -13.26 -15.77
C GLY A 29 13.44 -13.38 -14.26
N VAL A 30 13.61 -14.61 -13.77
CA VAL A 30 13.74 -14.81 -12.33
C VAL A 30 14.99 -14.10 -11.81
N GLY A 31 16.11 -14.20 -12.53
CA GLY A 31 17.31 -13.52 -12.11
C GLY A 31 17.17 -12.01 -12.14
N SER A 32 16.45 -11.48 -13.12
CA SER A 32 16.28 -10.03 -13.24
C SER A 32 15.19 -9.48 -12.33
N THR A 33 14.38 -10.33 -11.70
CA THR A 33 13.26 -9.87 -10.90
C THR A 33 13.42 -10.13 -9.41
N LEU A 34 14.02 -11.25 -9.01
CA LEU A 34 13.95 -11.66 -7.61
C LEU A 34 14.65 -10.68 -6.68
N GLY A 35 15.87 -10.27 -7.03
CA GLY A 35 16.69 -9.53 -6.08
C GLY A 35 16.21 -8.10 -5.89
N ALA A 36 16.57 -7.53 -4.73
CA ALA A 36 16.38 -6.14 -4.32
C ALA A 36 14.94 -5.83 -3.94
N GLY A 37 14.01 -6.77 -4.09
CA GLY A 37 12.63 -6.55 -3.72
C GLY A 37 12.22 -7.41 -2.54
N VAL A 38 12.85 -8.56 -2.42
CA VAL A 38 12.56 -9.49 -1.32
C VAL A 38 13.57 -9.34 -0.19
N TYR A 39 14.83 -9.09 -0.52
CA TYR A 39 15.89 -9.09 0.47
C TYR A 39 15.95 -7.79 1.28
N VAL A 40 15.42 -6.68 0.74
CA VAL A 40 15.55 -5.39 1.40
C VAL A 40 14.18 -4.76 1.63
N LEU A 41 13.42 -4.56 0.56
CA LEU A 41 12.17 -3.82 0.65
C LEU A 41 11.05 -4.60 1.31
N ALA A 42 11.16 -5.94 1.35
CA ALA A 42 10.12 -6.73 1.99
C ALA A 42 9.96 -6.36 3.46
N GLY A 43 11.09 -6.24 4.18
CA GLY A 43 11.03 -5.86 5.58
C GLY A 43 10.49 -4.45 5.77
N ALA A 44 10.91 -3.52 4.92
CA ALA A 44 10.42 -2.15 5.05
C ALA A 44 8.91 -2.10 4.85
N VAL A 45 8.39 -2.80 3.83
CA VAL A 45 6.95 -2.82 3.60
C VAL A 45 6.24 -3.49 4.76
N ALA A 46 6.76 -4.62 5.25
CA ALA A 46 6.12 -5.32 6.36
C ALA A 46 6.14 -4.51 7.63
N ARG A 47 7.09 -3.59 7.80
CA ARG A 47 7.15 -2.77 9.00
C ARG A 47 6.31 -1.51 8.90
N GLU A 48 6.29 -0.86 7.74
CA GLU A 48 5.61 0.42 7.60
C GLU A 48 4.23 0.28 6.97
N ASN A 49 4.16 -0.32 5.79
CA ASN A 49 2.93 -0.24 5.00
C ASN A 49 1.97 -1.37 5.33
N ALA A 50 2.43 -2.61 5.25
CA ALA A 50 1.55 -3.77 5.21
C ALA A 50 1.41 -4.51 6.54
N GLY A 51 2.51 -4.76 7.23
CA GLY A 51 2.49 -5.65 8.38
C GLY A 51 2.63 -7.09 7.93
N PRO A 52 2.15 -8.03 8.75
CA PRO A 52 2.11 -9.44 8.31
C PRO A 52 1.23 -9.65 7.10
N ALA A 53 0.31 -8.73 6.81
CA ALA A 53 -0.52 -8.80 5.60
C ALA A 53 0.25 -8.47 4.33
N ILE A 54 1.57 -8.28 4.43
CA ILE A 54 2.38 -8.03 3.24
C ILE A 54 2.23 -9.18 2.25
N VAL A 55 1.92 -10.38 2.75
CA VAL A 55 1.73 -11.54 1.90
C VAL A 55 0.63 -11.24 0.89
N ILE A 56 -0.43 -10.55 1.34
CA ILE A 56 -1.49 -10.15 0.43
C ILE A 56 -0.98 -9.10 -0.54
N SER A 57 -0.17 -8.16 -0.06
CA SER A 57 0.37 -7.13 -0.95
C SER A 57 1.10 -7.76 -2.13
N PHE A 58 2.04 -8.67 -1.84
CA PHE A 58 2.75 -9.35 -2.91
C PHE A 58 1.79 -10.05 -3.86
N LEU A 59 0.65 -10.53 -3.35
CA LEU A 59 -0.35 -11.12 -4.22
C LEU A 59 -0.88 -10.09 -5.20
N ILE A 60 -1.34 -8.94 -4.69
CA ILE A 60 -1.90 -7.92 -5.56
C ILE A 60 -0.86 -7.49 -6.58
N ALA A 61 0.31 -7.09 -6.10
CA ALA A 61 1.39 -6.69 -6.99
C ALA A 61 1.71 -7.80 -7.98
N ALA A 62 1.57 -9.06 -7.58
CA ALA A 62 1.78 -10.16 -8.52
C ALA A 62 0.72 -10.12 -9.60
N LEU A 63 -0.56 -10.09 -9.22
CA LEU A 63 -1.62 -10.20 -10.20
C LEU A 63 -1.51 -9.10 -11.25
N ALA A 64 -1.41 -7.85 -10.81
CA ALA A 64 -1.21 -6.75 -11.74
C ALA A 64 -0.05 -7.04 -12.67
N SER A 65 1.10 -7.43 -12.09
CA SER A 65 2.26 -7.74 -12.91
C SER A 65 1.90 -8.76 -13.97
N VAL A 66 1.24 -9.85 -13.57
CA VAL A 66 0.86 -10.88 -14.52
C VAL A 66 0.05 -10.24 -15.65
N LEU A 67 -0.96 -9.44 -15.29
CA LEU A 67 -1.75 -8.78 -16.31
C LEU A 67 -0.85 -8.02 -17.26
N ALA A 68 0.04 -7.18 -16.73
CA ALA A 68 0.97 -6.43 -17.56
C ALA A 68 1.72 -7.39 -18.47
N GLY A 69 2.27 -8.45 -17.90
CA GLY A 69 3.01 -9.41 -18.70
C GLY A 69 2.18 -9.94 -19.84
N LEU A 70 0.92 -10.30 -19.56
CA LEU A 70 0.06 -10.82 -20.61
C LEU A 70 -0.09 -9.79 -21.73
N CYS A 71 -0.28 -8.52 -21.37
CA CYS A 71 -0.34 -7.48 -22.39
C CYS A 71 0.93 -7.51 -23.24
N TYR A 72 2.09 -7.55 -22.59
CA TYR A 72 3.35 -7.62 -23.33
C TYR A 72 3.33 -8.81 -24.29
N GLY A 73 2.77 -9.94 -23.85
CA GLY A 73 2.69 -11.10 -24.72
C GLY A 73 1.99 -10.79 -26.03
N GLU A 74 0.87 -10.07 -25.96
CA GLU A 74 0.25 -9.59 -27.19
C GLU A 74 1.04 -8.44 -27.79
N PHE A 75 1.54 -7.54 -26.95
CA PHE A 75 2.15 -6.32 -27.44
C PHE A 75 3.43 -6.62 -28.21
N GLY A 76 4.17 -7.65 -27.81
CA GLY A 76 5.31 -8.10 -28.58
C GLY A 76 4.96 -9.07 -29.70
N ALA A 77 3.74 -9.62 -29.68
CA ALA A 77 3.32 -10.52 -30.74
C ALA A 77 2.97 -9.78 -32.02
N ARG A 78 2.56 -8.53 -31.91
CA ARG A 78 2.14 -7.75 -33.07
C ARG A 78 3.30 -7.24 -33.91
N VAL A 79 4.53 -7.32 -33.41
CA VAL A 79 5.72 -6.81 -34.08
C VAL A 79 6.71 -7.94 -34.21
N PRO A 80 7.26 -8.22 -35.40
CA PRO A 80 8.20 -9.34 -35.51
C PRO A 80 9.53 -9.07 -34.85
N LYS A 81 10.07 -7.86 -34.98
CA LYS A 81 11.38 -7.55 -34.43
C LYS A 81 11.28 -7.42 -32.92
N THR A 82 11.88 -8.37 -32.20
CA THR A 82 11.86 -8.34 -30.75
C THR A 82 12.60 -7.12 -30.22
N GLY A 83 12.03 -6.49 -29.20
CA GLY A 83 12.65 -5.31 -28.64
C GLY A 83 11.81 -4.78 -27.49
N SER A 84 12.25 -3.62 -26.98
CA SER A 84 11.55 -2.98 -25.88
C SER A 84 10.17 -2.50 -26.33
N ALA A 85 9.31 -2.21 -25.34
CA ALA A 85 7.98 -1.72 -25.64
C ALA A 85 8.01 -0.42 -26.44
N TYR A 86 9.09 0.36 -26.33
CA TYR A 86 9.22 1.57 -27.12
C TYR A 86 9.19 1.26 -28.62
N LEU A 87 9.94 0.23 -29.02
CA LEU A 87 9.98 -0.15 -30.43
C LEU A 87 8.60 -0.57 -30.92
N TYR A 88 7.90 -1.39 -30.14
CA TYR A 88 6.58 -1.85 -30.54
C TYR A 88 5.62 -0.68 -30.65
N SER A 89 5.63 0.22 -29.67
CA SER A 89 4.76 1.39 -29.73
C SER A 89 5.05 2.24 -30.95
N TYR A 90 6.34 2.55 -31.18
CA TYR A 90 6.69 3.41 -32.30
C TYR A 90 6.36 2.77 -33.64
N VAL A 91 6.39 1.44 -33.71
CA VAL A 91 5.99 0.75 -34.93
C VAL A 91 4.47 0.80 -35.11
N THR A 92 3.72 0.62 -34.03
CA THR A 92 2.29 0.35 -34.14
C THR A 92 1.42 1.60 -34.02
N VAL A 93 1.61 2.40 -32.97
CA VAL A 93 0.65 3.42 -32.59
C VAL A 93 1.09 4.82 -33.00
N GLY A 94 2.36 5.17 -32.81
CA GLY A 94 2.83 6.46 -33.27
C GLY A 94 4.07 6.92 -32.54
N GLU A 95 4.36 8.23 -32.68
CA GLU A 95 5.62 8.78 -32.22
C GLU A 95 5.53 9.33 -30.80
N LEU A 96 4.52 10.17 -30.52
CA LEU A 96 4.41 10.75 -29.18
C LEU A 96 4.20 9.67 -28.14
N TRP A 97 3.31 8.72 -28.43
CA TRP A 97 3.04 7.65 -27.48
C TRP A 97 4.30 6.84 -27.23
N ALA A 98 5.03 6.51 -28.30
CA ALA A 98 6.26 5.75 -28.17
C ALA A 98 7.30 6.52 -27.39
N PHE A 99 7.38 7.84 -27.59
CA PHE A 99 8.31 8.65 -26.82
C PHE A 99 7.97 8.60 -25.34
N ILE A 100 6.68 8.70 -25.00
CA ILE A 100 6.29 8.63 -23.60
C ILE A 100 6.66 7.27 -23.02
N THR A 101 6.38 6.20 -23.76
CA THR A 101 6.71 4.85 -23.28
C THR A 101 8.21 4.68 -23.08
N GLY A 102 9.00 5.14 -24.06
CA GLY A 102 10.44 5.02 -23.94
C GLY A 102 11.02 5.87 -22.83
N TRP A 103 10.46 7.06 -22.62
CA TRP A 103 10.90 7.92 -21.53
C TRP A 103 10.59 7.27 -20.18
N ASN A 104 9.41 6.67 -20.06
CA ASN A 104 9.06 5.97 -18.82
C ASN A 104 9.96 4.75 -18.62
N LEU A 105 10.30 4.04 -19.69
CA LEU A 105 11.24 2.92 -19.57
C LEU A 105 12.63 3.39 -19.18
N ILE A 106 13.05 4.54 -19.71
CA ILE A 106 14.34 5.11 -19.32
C ILE A 106 14.34 5.45 -17.83
N LEU A 107 13.26 6.06 -17.35
CA LEU A 107 13.13 6.32 -15.92
C LEU A 107 13.18 5.02 -15.13
N SER A 108 12.44 4.01 -15.59
CA SER A 108 12.43 2.73 -14.90
C SER A 108 13.83 2.17 -14.78
N TYR A 109 14.57 2.12 -15.88
CA TYR A 109 15.90 1.53 -15.85
C TYR A 109 16.86 2.36 -15.00
N ILE A 110 16.84 3.69 -15.15
CA ILE A 110 17.77 4.54 -14.41
C ILE A 110 17.51 4.43 -12.91
N ILE A 111 16.24 4.58 -12.51
CA ILE A 111 15.93 4.56 -11.08
C ILE A 111 16.06 3.15 -10.52
N GLY A 112 15.84 2.11 -11.35
CA GLY A 112 16.10 0.76 -10.90
C GLY A 112 17.57 0.51 -10.65
N THR A 113 18.42 0.99 -11.55
CA THR A 113 19.86 0.92 -11.31
C THR A 113 20.22 1.65 -10.02
N SER A 114 19.68 2.84 -9.83
CA SER A 114 19.98 3.62 -8.63
C SER A 114 19.54 2.87 -7.37
N SER A 115 18.32 2.34 -7.37
CA SER A 115 17.78 1.69 -6.17
C SER A 115 18.50 0.38 -5.88
N VAL A 116 18.78 -0.42 -6.91
CA VAL A 116 19.49 -1.67 -6.68
C VAL A 116 20.92 -1.40 -6.26
N ALA A 117 21.55 -0.35 -6.79
CA ALA A 117 22.88 0.01 -6.31
C ALA A 117 22.84 0.45 -4.86
N ARG A 118 21.81 1.21 -4.47
CA ARG A 118 21.61 1.53 -3.05
C ARG A 118 21.49 0.28 -2.22
N ALA A 119 20.65 -0.67 -2.64
CA ALA A 119 20.45 -1.88 -1.85
C ALA A 119 21.74 -2.68 -1.75
N TRP A 120 22.47 -2.80 -2.85
CA TRP A 120 23.73 -3.52 -2.85
C TRP A 120 24.75 -2.87 -1.93
N SER A 121 24.89 -1.55 -2.02
CA SER A 121 25.84 -0.84 -1.16
C SER A 121 25.45 -0.98 0.31
N ALA A 122 24.16 -0.83 0.62
CA ALA A 122 23.72 -0.94 2.00
C ALA A 122 23.97 -2.34 2.55
N THR A 123 23.65 -3.36 1.76
CA THR A 123 23.85 -4.74 2.22
C THR A 123 25.32 -5.03 2.43
N PHE A 124 26.17 -4.66 1.47
CA PHE A 124 27.59 -4.92 1.62
C PHE A 124 28.18 -4.16 2.80
N ASP A 125 27.78 -2.89 2.97
CA ASP A 125 28.29 -2.10 4.08
C ASP A 125 27.86 -2.69 5.42
N GLU A 126 26.60 -3.11 5.52
CA GLU A 126 26.12 -3.75 6.75
C GLU A 126 26.88 -5.04 7.01
N LEU A 127 27.21 -5.79 5.97
CA LEU A 127 27.93 -7.04 6.15
C LEU A 127 29.30 -6.80 6.78
N ILE A 128 29.97 -5.72 6.38
CA ILE A 128 31.32 -5.43 6.85
C ILE A 128 31.28 -4.48 8.05
N GLY A 129 30.11 -4.33 8.66
CA GLY A 129 29.98 -3.56 9.88
C GLY A 129 29.60 -2.10 9.71
N LYS A 130 29.14 -1.69 8.54
CA LYS A 130 28.72 -0.32 8.29
C LYS A 130 29.85 0.68 8.54
N PRO A 131 31.05 0.47 7.99
CA PRO A 131 32.08 1.52 8.09
C PRO A 131 31.86 2.64 7.09
N ILE A 132 31.38 2.29 5.90
CA ILE A 132 31.16 3.30 4.87
C ILE A 132 30.06 4.26 5.28
N GLY A 133 29.02 3.75 5.94
CA GLY A 133 27.97 4.62 6.45
C GLY A 133 28.50 5.61 7.49
N GLU A 134 29.36 5.13 8.39
CA GLU A 134 29.97 6.02 9.37
C GLU A 134 30.83 7.09 8.68
N PHE A 135 31.60 6.69 7.68
CA PHE A 135 32.40 7.66 6.93
C PHE A 135 31.50 8.70 6.28
N SER A 136 30.41 8.27 5.64
CA SER A 136 29.53 9.20 4.96
C SER A 136 28.89 10.17 5.94
N ARG A 137 28.44 9.66 7.09
CA ARG A 137 27.85 10.54 8.10
C ARG A 137 28.89 11.50 8.68
N GLN A 138 30.14 11.07 8.78
CA GLN A 138 31.19 11.92 9.34
C GLN A 138 31.53 13.05 8.38
N HIS A 139 31.72 12.73 7.10
CA HIS A 139 32.27 13.69 6.14
C HIS A 139 31.24 14.27 5.18
N MET A 140 29.99 13.81 5.20
CA MET A 140 29.00 14.27 4.25
C MET A 140 27.69 14.56 4.97
N ALA A 141 26.94 15.53 4.43
CA ALA A 141 25.63 15.89 4.95
C ALA A 141 24.92 16.74 3.91
N LEU A 142 23.72 16.31 3.53
CA LEU A 142 22.96 17.01 2.49
C LEU A 142 22.12 18.15 3.03
N ASN A 143 21.81 18.14 4.33
CA ASN A 143 21.06 19.23 4.97
C ASN A 143 19.69 19.44 4.33
N ALA A 144 19.11 18.38 3.77
CA ALA A 144 17.75 18.40 3.24
C ALA A 144 17.02 17.15 3.70
N PRO A 145 16.77 17.02 5.01
CA PRO A 145 16.18 15.79 5.52
C PRO A 145 14.80 15.49 4.96
N GLY A 146 14.01 16.51 4.63
CA GLY A 146 12.66 16.29 4.18
C GLY A 146 12.52 15.71 2.79
N VAL A 147 13.55 15.86 1.94
CA VAL A 147 13.52 15.41 0.56
C VAL A 147 14.68 14.48 0.26
N LEU A 148 15.91 14.91 0.54
CA LEU A 148 17.09 14.15 0.19
C LEU A 148 17.41 13.11 1.26
N ALA A 149 18.38 12.26 0.95
CA ALA A 149 18.74 11.15 1.84
C ALA A 149 19.52 11.66 3.05
N GLN A 150 19.33 10.99 4.18
CA GLN A 150 20.11 11.31 5.37
C GLN A 150 21.58 11.01 5.16
N THR A 151 21.90 9.89 4.52
CA THR A 151 23.27 9.48 4.26
C THR A 151 23.50 9.37 2.76
N PRO A 152 24.37 10.17 2.15
CA PRO A 152 24.67 9.99 0.73
C PRO A 152 25.47 8.72 0.50
N ASP A 153 24.97 7.85 -0.36
CA ASP A 153 25.61 6.57 -0.63
C ASP A 153 26.70 6.77 -1.68
N ILE A 154 27.92 7.01 -1.20
CA ILE A 154 29.07 7.14 -2.09
C ILE A 154 29.42 5.79 -2.71
N PHE A 155 29.29 4.71 -1.92
CA PHE A 155 29.65 3.39 -2.43
C PHE A 155 28.71 2.94 -3.54
N ALA A 156 27.43 3.33 -3.48
CA ALA A 156 26.54 3.07 -4.60
C ALA A 156 27.00 3.79 -5.86
N VAL A 157 27.48 5.03 -5.71
CA VAL A 157 28.02 5.76 -6.84
C VAL A 157 29.25 5.03 -7.40
N ILE A 158 30.10 4.51 -6.51
CA ILE A 158 31.27 3.77 -6.98
C ILE A 158 30.84 2.53 -7.74
N ILE A 159 29.84 1.81 -7.23
CA ILE A 159 29.36 0.61 -7.92
C ILE A 159 28.84 0.97 -9.31
N ILE A 160 28.05 2.04 -9.39
CA ILE A 160 27.48 2.44 -10.67
C ILE A 160 28.59 2.86 -11.63
N ILE A 161 29.60 3.57 -11.13
CA ILE A 161 30.72 3.97 -11.99
C ILE A 161 31.43 2.74 -12.54
N ILE A 162 31.71 1.77 -11.66
CA ILE A 162 32.43 0.58 -12.10
C ILE A 162 31.62 -0.19 -13.14
N LEU A 163 30.33 -0.36 -12.89
CA LEU A 163 29.51 -1.13 -13.81
C LEU A 163 29.32 -0.39 -15.13
N THR A 164 29.21 0.93 -15.10
CA THR A 164 29.13 1.70 -16.34
C THR A 164 30.43 1.59 -17.13
N GLY A 165 31.57 1.59 -16.44
CA GLY A 165 32.83 1.35 -17.12
C GLY A 165 32.88 -0.02 -17.76
N LEU A 166 32.40 -1.04 -17.05
CA LEU A 166 32.36 -2.38 -17.63
C LEU A 166 31.47 -2.43 -18.85
N LEU A 167 30.28 -1.82 -18.77
CA LEU A 167 29.35 -1.84 -19.89
C LEU A 167 29.90 -1.09 -21.09
N THR A 168 30.57 0.05 -20.85
CA THR A 168 31.15 0.81 -21.95
C THR A 168 32.19 -0.01 -22.70
N LEU A 169 32.95 -0.83 -21.98
CA LEU A 169 33.97 -1.68 -22.59
C LEU A 169 33.38 -2.84 -23.38
N GLY A 170 32.07 -3.04 -23.34
CA GLY A 170 31.43 -4.06 -24.14
C GLY A 170 31.02 -5.32 -23.40
N VAL A 171 31.10 -5.33 -22.06
CA VAL A 171 30.65 -6.50 -21.31
C VAL A 171 29.15 -6.70 -21.55
N LYS A 172 28.76 -7.95 -21.78
CA LYS A 172 27.39 -8.30 -22.15
C LYS A 172 26.82 -9.28 -21.13
N GLU A 173 25.58 -9.68 -21.36
CA GLU A 173 24.87 -10.58 -20.47
C GLU A 173 25.50 -11.96 -20.47
N SER A 174 26.10 -12.35 -19.34
CA SER A 174 26.68 -13.68 -19.17
C SER A 174 25.59 -14.60 -18.64
N ALA A 175 24.99 -15.40 -19.53
CA ALA A 175 23.88 -16.26 -19.12
C ALA A 175 24.31 -17.30 -18.09
N MET A 176 25.53 -17.82 -18.21
CA MET A 176 26.00 -18.83 -17.27
C MET A 176 26.14 -18.25 -15.86
N VAL A 177 26.75 -17.07 -15.74
CA VAL A 177 26.89 -16.44 -14.43
C VAL A 177 25.52 -16.09 -13.86
N ASN A 178 24.62 -15.60 -14.72
CA ASN A 178 23.27 -15.31 -14.26
C ASN A 178 22.58 -16.56 -13.74
N LYS A 179 22.73 -17.68 -14.45
CA LYS A 179 22.13 -18.93 -13.98
C LYS A 179 22.71 -19.36 -12.65
N ILE A 180 24.04 -19.26 -12.49
CA ILE A 180 24.67 -19.66 -11.23
C ILE A 180 24.15 -18.80 -10.09
N PHE A 181 24.13 -17.49 -10.29
CA PHE A 181 23.68 -16.58 -9.23
C PHE A 181 22.21 -16.79 -8.93
N THR A 182 21.39 -17.05 -9.95
CA THR A 182 19.98 -17.30 -9.71
C THR A 182 19.77 -18.60 -8.94
N CYS A 183 20.55 -19.64 -9.24
CA CYS A 183 20.46 -20.88 -8.48
C CYS A 183 20.83 -20.65 -7.03
N ILE A 184 21.91 -19.90 -6.78
CA ILE A 184 22.30 -19.61 -5.40
C ILE A 184 21.21 -18.81 -4.71
N ASN A 185 20.65 -17.83 -5.39
CA ASN A 185 19.57 -17.02 -4.82
C ASN A 185 18.37 -17.87 -4.46
N VAL A 186 17.98 -18.77 -5.36
CA VAL A 186 16.79 -19.59 -5.11
C VAL A 186 17.04 -20.56 -3.96
N LEU A 187 18.26 -21.10 -3.88
CA LEU A 187 18.59 -21.97 -2.75
C LEU A 187 18.52 -21.20 -1.44
N VAL A 188 19.04 -19.97 -1.42
CA VAL A 188 19.00 -19.17 -0.21
C VAL A 188 17.56 -18.83 0.16
N LEU A 189 16.73 -18.52 -0.84
CA LEU A 189 15.32 -18.22 -0.57
C LEU A 189 14.59 -19.44 -0.02
N CYS A 190 14.85 -20.62 -0.57
CA CYS A 190 14.25 -21.83 -0.04
C CYS A 190 14.71 -22.08 1.40
N PHE A 191 15.99 -21.84 1.68
CA PHE A 191 16.47 -21.95 3.05
C PHE A 191 15.75 -20.98 3.96
N ILE A 192 15.53 -19.75 3.50
CA ILE A 192 14.84 -18.76 4.30
C ILE A 192 13.41 -19.22 4.60
N VAL A 193 12.72 -19.74 3.59
CA VAL A 193 11.34 -20.19 3.78
C VAL A 193 11.30 -21.33 4.78
N VAL A 194 12.19 -22.31 4.62
CA VAL A 194 12.19 -23.47 5.52
C VAL A 194 12.53 -23.04 6.94
N SER A 195 13.51 -22.16 7.10
CA SER A 195 13.87 -21.69 8.43
C SER A 195 12.75 -20.87 9.06
N GLY A 196 12.00 -20.12 8.25
CA GLY A 196 10.87 -19.40 8.79
C GLY A 196 9.76 -20.33 9.25
N PHE A 197 9.48 -21.38 8.49
CA PHE A 197 8.46 -22.33 8.90
C PHE A 197 8.91 -23.24 10.03
N VAL A 198 10.22 -23.34 10.26
CA VAL A 198 10.72 -24.14 11.38
C VAL A 198 10.81 -23.32 12.66
N LYS A 199 11.46 -22.16 12.60
CA LYS A 199 11.63 -21.31 13.77
C LYS A 199 10.48 -20.33 13.97
N GLY A 200 9.89 -19.84 12.88
CA GLY A 200 8.78 -18.91 13.00
C GLY A 200 7.54 -19.55 13.57
N SER A 201 6.68 -18.71 14.13
CA SER A 201 5.44 -19.15 14.75
C SER A 201 4.30 -18.25 14.33
N ILE A 202 3.09 -18.81 14.30
CA ILE A 202 1.92 -18.05 13.90
C ILE A 202 1.56 -16.99 14.94
N LYS A 203 2.09 -17.09 16.15
CA LYS A 203 1.77 -16.10 17.18
C LYS A 203 2.22 -14.72 16.78
N ASN A 204 3.27 -14.60 15.97
CA ASN A 204 3.73 -13.31 15.49
C ASN A 204 2.73 -12.66 14.54
N TRP A 205 1.79 -13.43 13.99
CA TRP A 205 0.70 -12.89 13.19
C TRP A 205 -0.53 -12.56 14.02
N GLN A 206 -0.47 -12.76 15.34
CA GLN A 206 -1.60 -12.54 16.23
C GLN A 206 -1.20 -11.66 17.41
N LEU A 207 -0.29 -10.73 17.18
CA LEU A 207 0.19 -9.87 18.26
C LEU A 207 -0.91 -8.89 18.70
N THR A 208 -0.88 -8.56 20.00
CA THR A 208 -1.84 -7.63 20.57
C THR A 208 -1.12 -6.56 21.38
N GLU A 209 -1.88 -5.75 22.12
CA GLU A 209 -1.27 -4.70 22.93
C GLU A 209 -0.32 -5.27 23.98
N LYS A 210 -0.49 -6.55 24.35
CA LYS A 210 0.42 -7.17 25.30
C LYS A 210 1.82 -7.30 24.72
N ASN A 211 1.94 -7.53 23.42
CA ASN A 211 3.22 -7.76 22.77
C ASN A 211 3.79 -6.52 22.10
N PHE A 212 3.13 -5.37 22.22
CA PHE A 212 3.61 -4.13 21.61
C PHE A 212 4.78 -3.56 22.43
N SER A 213 5.88 -4.33 22.45
CA SER A 213 7.07 -3.90 23.16
C SER A 213 8.26 -4.63 22.53
N CYS A 214 9.01 -3.93 21.68
CA CYS A 214 10.21 -4.50 21.09
C CYS A 214 11.28 -4.66 22.15
N ASN A 215 11.99 -5.79 22.09
CA ASN A 215 13.02 -6.07 23.09
C ASN A 215 14.17 -5.09 23.03
N ASN A 216 14.36 -4.40 21.90
CA ASN A 216 15.38 -3.36 21.79
C ASN A 216 14.86 -2.10 22.46
N ASN A 217 15.59 -0.99 22.30
CA ASN A 217 15.21 0.31 22.84
C ASN A 217 14.90 1.30 21.73
N ASP A 218 14.25 0.82 20.66
CA ASP A 218 13.88 1.68 19.56
C ASP A 218 12.77 2.65 19.99
N THR A 219 12.69 3.77 19.26
CA THR A 219 11.74 4.84 19.58
C THR A 219 10.94 5.17 18.33
N ASN A 220 9.73 5.68 18.54
CA ASN A 220 8.80 6.00 17.46
C ASN A 220 8.43 4.75 16.67
N VAL A 221 8.01 3.72 17.39
CA VAL A 221 7.60 2.46 16.78
C VAL A 221 6.13 2.53 16.40
N LYS A 222 5.79 2.02 15.22
CA LYS A 222 4.41 1.97 14.76
C LYS A 222 3.88 0.56 15.01
N TYR A 223 3.01 0.42 16.01
CA TYR A 223 2.45 -0.88 16.37
C TYR A 223 1.14 -1.18 15.68
N GLY A 224 0.35 -0.15 15.33
CA GLY A 224 -0.87 -0.39 14.59
C GLY A 224 -1.90 -1.17 15.40
N GLU A 225 -2.86 -1.73 14.66
CA GLU A 225 -3.90 -2.55 15.30
C GLU A 225 -3.31 -3.82 15.89
N GLY A 226 -2.32 -4.41 15.22
CA GLY A 226 -1.82 -5.71 15.57
C GLY A 226 -2.43 -6.80 14.71
N GLY A 227 -2.18 -8.04 15.11
CA GLY A 227 -2.74 -9.16 14.38
C GLY A 227 -2.15 -9.27 12.98
N PHE A 228 -2.95 -9.85 12.08
CA PHE A 228 -2.48 -10.12 10.73
C PHE A 228 -2.47 -8.87 9.86
N MET A 229 -3.38 -7.92 10.11
CA MET A 229 -3.51 -6.70 9.30
C MET A 229 -3.48 -5.49 10.21
N PRO A 230 -2.32 -5.20 10.80
CA PRO A 230 -2.24 -4.07 11.75
C PRO A 230 -2.58 -2.73 11.12
N PHE A 231 -2.22 -2.49 9.87
CA PHE A 231 -2.37 -1.18 9.24
C PHE A 231 -3.55 -1.12 8.29
N GLY A 232 -4.38 -2.16 8.22
CA GLY A 232 -5.58 -2.13 7.43
C GLY A 232 -5.32 -2.38 5.96
N PHE A 233 -6.43 -2.47 5.20
CA PHE A 233 -6.31 -2.74 3.78
C PHE A 233 -5.72 -1.57 3.01
N SER A 234 -5.86 -0.34 3.50
CA SER A 234 -5.14 0.78 2.89
C SER A 234 -3.64 0.59 3.01
N GLY A 235 -3.18 0.16 4.19
CA GLY A 235 -1.77 -0.18 4.33
C GLY A 235 -1.36 -1.33 3.44
N VAL A 236 -2.23 -2.33 3.30
CA VAL A 236 -1.93 -3.44 2.40
C VAL A 236 -1.79 -2.95 0.97
N LEU A 237 -2.65 -2.03 0.55
CA LEU A 237 -2.60 -1.50 -0.81
C LEU A 237 -1.34 -0.69 -1.04
N SER A 238 -0.95 0.12 -0.05
CA SER A 238 0.30 0.86 -0.16
C SER A 238 1.49 -0.10 -0.24
N GLY A 239 1.46 -1.16 0.55
CA GLY A 239 2.50 -2.17 0.48
C GLY A 239 2.54 -2.86 -0.87
N ALA A 240 1.37 -3.10 -1.46
CA ALA A 240 1.33 -3.69 -2.80
C ALA A 240 1.91 -2.75 -3.84
N ALA A 241 1.60 -1.46 -3.74
CA ALA A 241 2.18 -0.49 -4.64
C ALA A 241 3.71 -0.47 -4.51
N THR A 242 4.22 -0.55 -3.28
CA THR A 242 5.66 -0.59 -3.09
C THR A 242 6.26 -1.88 -3.61
N CYS A 243 5.58 -3.01 -3.39
CA CYS A 243 6.10 -4.31 -3.79
C CYS A 243 6.03 -4.53 -5.29
N PHE A 244 5.23 -3.74 -6.00
CA PHE A 244 5.24 -3.83 -7.45
C PHE A 244 6.64 -3.68 -8.00
N TYR A 245 7.48 -2.89 -7.32
CA TYR A 245 8.89 -2.79 -7.68
C TYR A 245 9.56 -4.17 -7.70
N ALA A 246 9.13 -5.06 -6.81
CA ALA A 246 9.76 -6.37 -6.71
C ALA A 246 9.52 -7.24 -7.93
N PHE A 247 8.41 -7.04 -8.64
CA PHE A 247 8.06 -7.85 -9.79
C PHE A 247 8.55 -7.26 -11.12
N VAL A 248 9.20 -6.10 -11.09
CA VAL A 248 9.73 -5.50 -12.31
C VAL A 248 11.01 -6.20 -12.71
N GLY A 249 11.18 -6.41 -14.01
CA GLY A 249 12.39 -7.03 -14.52
C GLY A 249 12.15 -8.08 -15.59
N PHE A 250 10.90 -8.54 -15.72
CA PHE A 250 10.58 -9.54 -16.73
C PHE A 250 10.67 -9.01 -18.15
N ASP A 251 10.75 -7.68 -18.32
CA ASP A 251 10.86 -7.12 -19.66
C ASP A 251 12.06 -7.71 -20.40
N CYS A 252 13.13 -8.04 -19.67
CA CYS A 252 14.32 -8.59 -20.31
C CYS A 252 13.99 -9.83 -21.13
N ILE A 253 12.94 -10.56 -20.77
CA ILE A 253 12.54 -11.73 -21.53
C ILE A 253 12.20 -11.33 -22.97
N ALA A 254 11.35 -10.30 -23.11
CA ALA A 254 10.90 -9.92 -24.44
C ALA A 254 11.97 -9.14 -25.20
N THR A 255 12.79 -8.38 -24.48
CA THR A 255 13.82 -7.53 -25.08
C THR A 255 15.16 -8.24 -25.21
N THR A 256 15.23 -9.53 -24.89
CA THR A 256 16.50 -10.24 -24.91
C THR A 256 17.14 -10.14 -26.29
N GLY A 257 18.43 -9.81 -26.30
CA GLY A 257 19.15 -9.70 -27.57
C GLY A 257 19.31 -11.04 -28.25
N GLU A 258 19.61 -12.08 -27.49
CA GLU A 258 19.83 -13.41 -28.07
C GLU A 258 18.56 -13.93 -28.72
N GLU A 259 18.72 -14.60 -29.85
CA GLU A 259 17.58 -15.16 -30.55
C GLU A 259 16.90 -16.25 -29.71
N VAL A 260 15.58 -16.32 -29.81
CA VAL A 260 14.77 -17.27 -29.05
C VAL A 260 14.28 -18.34 -30.01
N LYS A 261 14.22 -19.58 -29.52
CA LYS A 261 13.79 -20.69 -30.36
C LYS A 261 12.38 -20.45 -30.89
N ASN A 262 11.45 -20.10 -30.01
CA ASN A 262 10.08 -19.78 -30.38
C ASN A 262 9.72 -18.46 -29.71
N PRO A 263 10.14 -17.34 -30.31
CA PRO A 263 10.06 -16.04 -29.60
C PRO A 263 8.68 -15.71 -29.06
N GLN A 264 7.68 -15.62 -29.94
CA GLN A 264 6.37 -15.13 -29.53
C GLN A 264 5.56 -16.13 -28.72
N LYS A 265 5.96 -17.40 -28.71
CA LYS A 265 5.32 -18.40 -27.86
C LYS A 265 6.04 -18.61 -26.54
N ALA A 266 7.37 -18.55 -26.55
CA ALA A 266 8.13 -18.71 -25.32
C ALA A 266 8.13 -17.46 -24.46
N ILE A 267 8.09 -16.28 -25.08
CA ILE A 267 8.16 -15.04 -24.31
C ILE A 267 7.00 -14.90 -23.33
N PRO A 268 5.74 -15.06 -23.74
CA PRO A 268 4.65 -14.91 -22.76
C PRO A 268 4.67 -16.00 -21.69
N VAL A 269 4.89 -17.26 -22.09
CA VAL A 269 4.96 -18.34 -21.12
C VAL A 269 6.12 -18.11 -20.16
N GLY A 270 7.27 -17.71 -20.68
CA GLY A 270 8.40 -17.42 -19.82
C GLY A 270 8.12 -16.30 -18.84
N ILE A 271 7.49 -15.23 -19.32
CA ILE A 271 7.18 -14.09 -18.44
C ILE A 271 6.24 -14.54 -17.33
N VAL A 272 5.17 -15.28 -17.70
CA VAL A 272 4.20 -15.70 -16.70
C VAL A 272 4.84 -16.66 -15.69
N ALA A 273 5.65 -17.60 -16.17
CA ALA A 273 6.29 -18.54 -15.25
C ALA A 273 7.25 -17.83 -14.31
N SER A 274 8.02 -16.87 -14.84
CA SER A 274 8.92 -16.10 -13.98
C SER A 274 8.14 -15.33 -12.93
N LEU A 275 7.02 -14.72 -13.32
CA LEU A 275 6.22 -13.97 -12.37
C LEU A 275 5.64 -14.89 -11.30
N LEU A 276 5.17 -16.07 -11.69
CA LEU A 276 4.63 -17.01 -10.70
C LEU A 276 5.71 -17.48 -9.73
N ILE A 277 6.91 -17.79 -10.25
CA ILE A 277 7.99 -18.22 -9.37
C ILE A 277 8.38 -17.10 -8.41
N CYS A 278 8.47 -15.88 -8.93
CA CYS A 278 8.80 -14.74 -8.08
C CYS A 278 7.73 -14.52 -7.02
N PHE A 279 6.46 -14.67 -7.39
CA PHE A 279 5.39 -14.52 -6.41
C PHE A 279 5.48 -15.59 -5.33
N ILE A 280 5.75 -16.83 -5.71
CA ILE A 280 5.88 -17.90 -4.72
C ILE A 280 7.03 -17.58 -3.77
N ALA A 281 8.18 -17.18 -4.32
CA ALA A 281 9.33 -16.86 -3.50
C ALA A 281 9.03 -15.70 -2.55
N TYR A 282 8.40 -14.65 -3.07
CA TYR A 282 8.09 -13.49 -2.24
C TYR A 282 7.11 -13.85 -1.14
N PHE A 283 6.05 -14.59 -1.48
CA PHE A 283 5.09 -15.01 -0.46
C PHE A 283 5.78 -15.81 0.63
N GLY A 284 6.55 -16.83 0.26
CA GLY A 284 7.22 -17.65 1.25
C GLY A 284 8.17 -16.83 2.12
N VAL A 285 8.98 -15.99 1.49
CA VAL A 285 10.02 -15.27 2.24
C VAL A 285 9.39 -14.22 3.14
N SER A 286 8.35 -13.53 2.67
CA SER A 286 7.70 -12.54 3.51
C SER A 286 6.95 -13.19 4.67
N ALA A 287 6.29 -14.32 4.41
CA ALA A 287 5.65 -15.04 5.50
C ALA A 287 6.67 -15.49 6.53
N ALA A 288 7.81 -16.00 6.08
CA ALA A 288 8.90 -16.34 7.00
C ALA A 288 9.34 -15.13 7.80
N LEU A 289 9.60 -14.02 7.11
CA LEU A 289 10.13 -12.84 7.79
C LEU A 289 9.17 -12.34 8.86
N THR A 290 7.87 -12.33 8.55
CA THR A 290 6.88 -11.85 9.52
C THR A 290 6.52 -12.89 10.56
N LEU A 291 6.86 -14.16 10.35
CA LEU A 291 6.60 -15.18 11.36
C LEU A 291 7.76 -15.36 12.34
N MET A 292 9.00 -15.19 11.88
CA MET A 292 10.14 -15.31 12.79
C MET A 292 10.21 -14.12 13.75
N MET A 293 9.91 -12.93 13.26
CA MET A 293 10.09 -11.70 14.02
C MET A 293 8.85 -10.84 13.90
N PRO A 294 8.49 -10.10 14.96
CA PRO A 294 7.34 -9.19 14.85
C PRO A 294 7.57 -8.15 13.76
N TYR A 295 6.47 -7.75 13.11
CA TYR A 295 6.57 -6.81 12.00
C TYR A 295 7.14 -5.48 12.46
N PHE A 296 6.71 -4.99 13.63
CA PHE A 296 7.23 -3.73 14.14
C PHE A 296 8.63 -3.85 14.72
N CYS A 297 9.12 -5.07 14.95
CA CYS A 297 10.49 -5.28 15.41
C CYS A 297 11.48 -5.43 14.27
N LEU A 298 11.02 -5.53 13.03
CA LEU A 298 11.92 -5.78 11.92
C LEU A 298 12.98 -4.69 11.83
N ASP A 299 14.23 -5.12 11.62
CA ASP A 299 15.34 -4.17 11.55
C ASP A 299 15.19 -3.27 10.34
N ILE A 300 15.49 -1.98 10.53
CA ILE A 300 15.37 -1.02 9.44
C ILE A 300 16.43 -1.29 8.38
N ASP A 301 17.64 -1.68 8.81
CA ASP A 301 18.76 -1.86 7.89
C ASP A 301 18.78 -3.25 7.27
N SER A 302 18.72 -4.29 8.10
CA SER A 302 18.83 -5.68 7.64
C SER A 302 17.68 -6.47 8.22
N PRO A 303 16.51 -6.46 7.56
CA PRO A 303 15.36 -7.17 8.14
C PRO A 303 15.56 -8.67 8.25
N LEU A 304 15.98 -9.34 7.16
CA LEU A 304 16.14 -10.79 7.22
C LEU A 304 17.24 -11.19 8.19
N PRO A 305 18.46 -10.63 8.12
CA PRO A 305 19.46 -10.96 9.15
C PRO A 305 19.01 -10.63 10.56
N GLY A 306 18.28 -9.53 10.73
CA GLY A 306 17.78 -9.19 12.06
C GLY A 306 16.81 -10.24 12.58
N ALA A 307 15.89 -10.71 11.72
CA ALA A 307 14.97 -11.76 12.12
C ALA A 307 15.70 -13.04 12.46
N PHE A 308 16.71 -13.39 11.64
CA PHE A 308 17.47 -14.61 11.92
C PHE A 308 18.21 -14.50 13.25
N LYS A 309 18.79 -13.33 13.54
CA LYS A 309 19.46 -13.14 14.82
C LYS A 309 18.47 -13.18 15.98
N HIS A 310 17.26 -12.66 15.75
CA HIS A 310 16.25 -12.64 16.82
C HIS A 310 15.93 -14.04 17.30
N GLN A 311 15.89 -15.01 16.39
CA GLN A 311 15.56 -16.40 16.72
C GLN A 311 16.79 -17.22 17.08
N GLY A 312 17.97 -16.60 17.14
CA GLY A 312 19.19 -17.29 17.55
C GLY A 312 20.06 -17.76 16.41
N TRP A 313 19.52 -17.87 15.20
CA TRP A 313 20.29 -18.31 14.04
C TRP A 313 21.02 -17.12 13.40
N GLU A 314 21.83 -16.45 14.22
CA GLU A 314 22.58 -15.29 13.74
C GLU A 314 23.55 -15.69 12.63
N GLU A 315 24.11 -16.90 12.70
CA GLU A 315 25.07 -17.33 11.68
C GLU A 315 24.44 -17.31 10.29
N ALA A 316 23.16 -17.64 10.18
CA ALA A 316 22.48 -17.62 8.90
C ALA A 316 22.62 -16.28 8.19
N LYS A 317 22.91 -15.22 8.94
CA LYS A 317 23.11 -13.91 8.32
C LYS A 317 24.13 -13.98 7.20
N TYR A 318 25.16 -14.81 7.36
CA TYR A 318 26.15 -14.96 6.29
C TYR A 318 25.50 -15.57 5.05
N ALA A 319 24.77 -16.67 5.22
CA ALA A 319 24.12 -17.31 4.08
C ALA A 319 23.25 -16.32 3.34
N VAL A 320 22.36 -15.65 4.06
CA VAL A 320 21.53 -14.60 3.45
C VAL A 320 22.44 -13.57 2.79
N ALA A 321 23.47 -13.14 3.52
CA ALA A 321 24.38 -12.13 2.97
C ALA A 321 24.93 -12.57 1.62
N ILE A 322 25.13 -13.87 1.44
CA ILE A 322 25.53 -14.37 0.13
C ILE A 322 24.39 -14.19 -0.86
N GLY A 323 23.25 -14.84 -0.58
CA GLY A 323 22.18 -14.87 -1.56
C GLY A 323 21.75 -13.48 -2.01
N SER A 324 21.53 -12.59 -1.04
CA SER A 324 21.18 -11.22 -1.38
C SER A 324 22.22 -10.62 -2.31
N LEU A 325 23.50 -10.69 -1.92
CA LEU A 325 24.54 -10.10 -2.75
C LEU A 325 24.61 -10.74 -4.12
N CYS A 326 24.13 -11.98 -4.26
CA CYS A 326 23.94 -12.55 -5.58
C CYS A 326 22.73 -11.91 -6.27
N ALA A 327 21.56 -12.03 -5.64
CA ALA A 327 20.34 -11.55 -6.25
C ALA A 327 20.47 -10.11 -6.68
N LEU A 328 20.89 -9.25 -5.75
CA LEU A 328 21.05 -7.83 -6.06
C LEU A 328 21.90 -7.67 -7.31
N SER A 329 23.04 -8.35 -7.35
CA SER A 329 23.89 -8.26 -8.54
C SER A 329 23.11 -8.60 -9.80
N THR A 330 22.46 -9.77 -9.79
CA THR A 330 21.68 -10.17 -10.96
C THR A 330 20.59 -9.17 -11.25
N SER A 331 20.04 -8.53 -10.22
CA SER A 331 19.06 -7.48 -10.45
C SER A 331 19.73 -6.22 -10.98
N LEU A 332 20.88 -5.86 -10.43
CA LEU A 332 21.51 -4.59 -10.79
C LEU A 332 21.82 -4.55 -12.28
N LEU A 333 22.53 -5.57 -12.78
CA LEU A 333 22.78 -5.65 -14.21
C LEU A 333 21.47 -5.74 -14.98
N GLY A 334 20.47 -6.42 -14.43
CA GLY A 334 19.17 -6.47 -15.07
C GLY A 334 18.58 -5.10 -15.31
N SER A 335 18.93 -4.14 -14.46
CA SER A 335 18.49 -2.76 -14.64
C SER A 335 19.43 -1.95 -15.51
N MET A 336 20.68 -2.40 -15.66
CA MET A 336 21.69 -1.61 -16.35
C MET A 336 21.81 -1.94 -17.83
N PHE A 337 21.76 -3.23 -18.20
CA PHE A 337 21.94 -3.59 -19.60
C PHE A 337 20.89 -2.94 -20.51
N PRO A 338 19.60 -2.98 -20.19
CA PRO A 338 18.62 -2.29 -21.06
C PRO A 338 18.75 -0.78 -21.05
N MET A 339 19.40 -0.20 -20.04
CA MET A 339 19.36 1.26 -19.87
C MET A 339 20.00 2.00 -21.03
N PRO A 340 21.18 1.64 -21.54
CA PRO A 340 21.68 2.33 -22.74
C PRO A 340 20.97 1.92 -24.01
N ARG A 341 20.41 0.71 -24.07
CA ARG A 341 19.79 0.24 -25.31
C ARG A 341 18.59 1.10 -25.69
N VAL A 342 17.71 1.38 -24.72
CA VAL A 342 16.52 2.18 -25.01
C VAL A 342 16.91 3.60 -25.42
N ILE A 343 17.89 4.18 -24.72
CA ILE A 343 18.33 5.54 -25.05
C ILE A 343 18.91 5.57 -26.45
N TYR A 344 19.73 4.58 -26.81
CA TYR A 344 20.28 4.53 -28.16
C TYR A 344 19.18 4.37 -29.21
N ALA A 345 18.20 3.51 -28.94
CA ALA A 345 17.11 3.32 -29.88
C ALA A 345 16.32 4.62 -30.08
N MET A 346 16.06 5.35 -29.00
CA MET A 346 15.32 6.60 -29.11
C MET A 346 16.13 7.68 -29.80
N ALA A 347 17.44 7.74 -29.54
CA ALA A 347 18.28 8.75 -30.17
C ALA A 347 18.45 8.48 -31.66
N GLU A 348 18.62 7.22 -32.05
CA GLU A 348 18.73 6.89 -33.46
C GLU A 348 17.45 7.26 -34.19
N ASP A 349 16.30 7.04 -33.57
CA ASP A 349 15.02 7.41 -34.15
C ASP A 349 14.80 8.91 -34.18
N GLY A 350 15.66 9.69 -33.51
CA GLY A 350 15.56 11.13 -33.50
C GLY A 350 14.72 11.72 -32.39
N LEU A 351 14.05 10.89 -31.59
CA LEU A 351 13.25 11.43 -30.50
C LEU A 351 14.12 12.06 -29.42
N LEU A 352 15.27 11.48 -29.13
CA LEU A 352 16.25 12.06 -28.22
C LEU A 352 17.40 12.67 -29.03
N PHE A 353 18.30 13.34 -28.31
CA PHE A 353 19.40 14.03 -28.97
C PHE A 353 20.24 13.05 -29.78
N LYS A 354 20.58 13.45 -31.01
CA LYS A 354 21.24 12.53 -31.93
C LYS A 354 22.61 12.10 -31.42
N PHE A 355 23.30 12.95 -30.67
CA PHE A 355 24.64 12.60 -30.21
C PHE A 355 24.61 11.37 -29.31
N LEU A 356 23.49 11.12 -28.63
CA LEU A 356 23.37 9.92 -27.80
C LEU A 356 23.41 8.64 -28.62
N ALA A 357 23.11 8.71 -29.92
CA ALA A 357 23.09 7.54 -30.78
C ALA A 357 24.46 7.24 -31.41
N LYS A 358 25.48 8.03 -31.08
CA LYS A 358 26.80 7.86 -31.68
C LYS A 358 27.48 6.64 -31.09
N ILE A 359 27.40 5.51 -31.81
CA ILE A 359 28.16 4.33 -31.42
C ILE A 359 29.63 4.59 -31.67
N ASN A 360 30.46 4.33 -30.65
CA ASN A 360 31.88 4.64 -30.72
C ASN A 360 32.62 3.50 -31.41
N ASN A 361 33.57 3.87 -32.28
CA ASN A 361 34.29 2.86 -33.06
C ASN A 361 35.23 2.05 -32.19
N ARG A 362 35.80 2.64 -31.14
CA ARG A 362 36.76 1.91 -30.32
C ARG A 362 36.11 0.72 -29.62
N THR A 363 34.82 0.82 -29.27
CA THR A 363 34.14 -0.20 -28.51
C THR A 363 32.92 -0.79 -29.22
N LYS A 364 32.40 -0.14 -30.25
CA LYS A 364 31.19 -0.60 -30.93
C LYS A 364 30.00 -0.64 -29.98
N THR A 365 29.96 0.29 -29.04
CA THR A 365 28.90 0.41 -28.05
C THR A 365 28.41 1.84 -28.00
N PRO A 366 27.17 2.07 -27.54
CA PRO A 366 26.70 3.45 -27.36
C PRO A 366 27.35 4.10 -26.14
N VAL A 367 28.59 4.55 -26.31
CA VAL A 367 29.37 5.02 -25.17
C VAL A 367 28.71 6.24 -24.53
N ILE A 368 28.26 7.20 -25.34
CA ILE A 368 27.73 8.43 -24.79
C ILE A 368 26.45 8.16 -24.02
N ALA A 369 25.54 7.37 -24.58
CA ALA A 369 24.30 7.05 -23.89
C ALA A 369 24.58 6.31 -22.59
N THR A 370 25.48 5.33 -22.63
CA THR A 370 25.81 4.58 -21.43
C THR A 370 26.37 5.51 -20.35
N VAL A 371 27.29 6.40 -20.73
CA VAL A 371 27.92 7.29 -19.76
C VAL A 371 26.89 8.24 -19.16
N THR A 372 26.04 8.82 -20.01
CA THR A 372 25.04 9.77 -19.51
C THR A 372 24.06 9.09 -18.58
N SER A 373 23.53 7.94 -18.98
CA SER A 373 22.57 7.22 -18.14
C SER A 373 23.23 6.77 -16.83
N GLY A 374 24.47 6.29 -16.90
CA GLY A 374 25.17 5.90 -15.69
C GLY A 374 25.39 7.06 -14.74
N ALA A 375 25.76 8.22 -15.28
CA ALA A 375 25.92 9.40 -14.44
C ALA A 375 24.61 9.81 -13.79
N ILE A 376 23.52 9.77 -14.55
CA ILE A 376 22.22 10.14 -13.99
C ILE A 376 21.84 9.16 -12.88
N ALA A 377 22.04 7.86 -13.11
CA ALA A 377 21.72 6.87 -12.09
C ALA A 377 22.59 7.05 -10.87
N ALA A 378 23.88 7.34 -11.06
CA ALA A 378 24.77 7.55 -9.93
C ALA A 378 24.33 8.77 -9.11
N VAL A 379 23.94 9.86 -9.77
CA VAL A 379 23.46 11.03 -9.04
C VAL A 379 22.19 10.71 -8.27
N MET A 380 21.25 10.01 -8.92
CA MET A 380 20.00 9.66 -8.26
C MET A 380 20.28 8.80 -7.03
N ALA A 381 21.21 7.85 -7.15
CA ALA A 381 21.57 7.01 -6.02
C ALA A 381 22.30 7.80 -4.94
N PHE A 382 23.05 8.84 -5.34
CA PHE A 382 23.76 9.65 -4.35
C PHE A 382 22.80 10.49 -3.53
N LEU A 383 21.73 11.00 -4.15
CA LEU A 383 20.94 12.04 -3.52
C LEU A 383 19.71 11.53 -2.78
N PHE A 384 19.09 10.43 -3.20
CA PHE A 384 17.76 10.05 -2.72
C PHE A 384 17.79 8.70 -2.01
N GLU A 385 16.82 8.51 -1.11
CA GLU A 385 16.72 7.28 -0.32
C GLU A 385 16.27 6.11 -1.20
N LEU A 386 16.47 4.90 -0.66
CA LEU A 386 16.08 3.70 -1.40
C LEU A 386 14.58 3.67 -1.63
N LYS A 387 13.79 4.03 -0.61
CA LYS A 387 12.34 3.99 -0.76
C LYS A 387 11.86 4.99 -1.81
N ASP A 388 12.43 6.21 -1.80
CA ASP A 388 12.03 7.21 -2.77
C ASP A 388 12.35 6.75 -4.19
N LEU A 389 13.55 6.19 -4.39
CA LEU A 389 13.92 5.67 -5.70
C LEU A 389 13.00 4.53 -6.12
N VAL A 390 12.66 3.65 -5.17
CA VAL A 390 11.79 2.52 -5.48
C VAL A 390 10.43 3.03 -5.95
N ASP A 391 9.87 4.01 -5.24
CA ASP A 391 8.58 4.55 -5.61
C ASP A 391 8.65 5.27 -6.96
N LEU A 392 9.72 6.03 -7.19
CA LEU A 392 9.86 6.75 -8.45
C LEU A 392 9.99 5.79 -9.64
N MET A 393 10.65 4.66 -9.42
CA MET A 393 10.72 3.64 -10.48
C MET A 393 9.38 2.96 -10.65
N SER A 394 8.67 2.69 -9.54
CA SER A 394 7.40 1.98 -9.62
C SER A 394 6.36 2.80 -10.37
N ILE A 395 6.30 4.10 -10.11
CA ILE A 395 5.29 4.93 -10.79
C ILE A 395 5.54 4.93 -12.29
N GLY A 396 6.79 5.10 -12.71
CA GLY A 396 7.09 5.09 -14.13
C GLY A 396 6.83 3.75 -14.78
N THR A 397 7.20 2.66 -14.11
CA THR A 397 6.94 1.34 -14.66
C THR A 397 5.45 1.06 -14.76
N LEU A 398 4.68 1.49 -13.76
CA LEU A 398 3.24 1.33 -13.82
C LEU A 398 2.64 2.12 -14.98
N LEU A 399 3.10 3.35 -15.18
CA LEU A 399 2.61 4.12 -16.32
C LEU A 399 2.96 3.42 -17.63
N ALA A 400 4.18 2.91 -17.75
CA ALA A 400 4.58 2.24 -18.98
C ALA A 400 3.72 1.01 -19.25
N TYR A 401 3.47 0.21 -18.21
CA TYR A 401 2.64 -0.99 -18.38
C TYR A 401 1.21 -0.61 -18.74
N SER A 402 0.67 0.44 -18.12
CA SER A 402 -0.65 0.92 -18.49
C SER A 402 -0.67 1.37 -19.95
N LEU A 403 0.39 2.04 -20.38
CA LEU A 403 0.48 2.47 -21.77
C LEU A 403 0.46 1.26 -22.71
N VAL A 404 1.20 0.22 -22.36
CA VAL A 404 1.25 -0.98 -23.20
C VAL A 404 -0.12 -1.65 -23.24
N ALA A 405 -0.80 -1.73 -22.10
CA ALA A 405 -2.13 -2.32 -22.06
C ALA A 405 -3.11 -1.52 -22.93
N ALA A 406 -3.03 -0.19 -22.85
CA ALA A 406 -3.87 0.65 -23.70
C ALA A 406 -3.56 0.43 -25.17
N CYS A 407 -2.27 0.28 -25.50
CA CYS A 407 -1.90 -0.03 -26.88
C CYS A 407 -2.55 -1.31 -27.34
N VAL A 408 -2.49 -2.37 -26.51
CA VAL A 408 -3.08 -3.65 -26.90
C VAL A 408 -4.58 -3.48 -27.11
N LEU A 409 -5.25 -2.81 -26.15
CA LEU A 409 -6.69 -2.66 -26.23
C LEU A 409 -7.09 -1.91 -27.49
N VAL A 410 -6.40 -0.81 -27.79
CA VAL A 410 -6.74 -0.01 -28.97
C VAL A 410 -6.45 -0.78 -30.25
N LEU A 411 -5.26 -1.39 -30.33
CA LEU A 411 -4.84 -2.03 -31.57
C LEU A 411 -5.65 -3.29 -31.88
N ARG A 412 -6.24 -3.93 -30.88
CA ARG A 412 -7.05 -5.11 -31.18
C ARG A 412 -8.21 -4.79 -32.10
N TYR A 413 -8.69 -3.55 -32.08
CA TYR A 413 -9.86 -3.16 -32.84
C TYR A 413 -9.55 -2.26 -34.03
N GLN A 414 -8.28 -1.92 -34.25
CA GLN A 414 -7.95 -1.08 -35.39
C GLN A 414 -7.93 -1.90 -36.68
N PRO A 415 -8.27 -1.30 -37.81
CA PRO A 415 -8.15 -2.00 -39.09
C PRO A 415 -6.70 -2.20 -39.47
N GLU A 416 -6.47 -3.20 -40.33
CA GLU A 416 -5.12 -3.50 -40.77
C GLU A 416 -4.54 -2.30 -41.52
N GLN A 417 -3.21 -2.18 -41.44
CA GLN A 417 -2.55 -1.03 -42.04
C GLN A 417 -2.81 -0.99 -43.55
N PRO A 418 -3.18 0.16 -44.13
CA PRO A 418 -3.42 0.23 -45.56
C PRO A 418 -2.21 -0.22 -46.38
N PHE A 456 -21.88 9.03 -35.53
CA PHE A 456 -22.99 8.57 -36.37
C PHE A 456 -24.19 8.19 -35.51
N SER A 457 -25.07 7.35 -36.06
CA SER A 457 -26.24 6.91 -35.33
C SER A 457 -25.84 6.12 -34.09
N LEU A 458 -26.61 6.28 -33.01
CA LEU A 458 -26.33 5.54 -31.78
C LEU A 458 -26.37 4.04 -32.02
N LYS A 459 -27.31 3.58 -32.84
CA LYS A 459 -27.38 2.15 -33.15
C LYS A 459 -26.12 1.67 -33.85
N SER A 460 -25.60 2.49 -34.78
CA SER A 460 -24.39 2.10 -35.49
C SER A 460 -23.22 1.91 -34.53
N ILE A 461 -23.05 2.83 -33.59
CA ILE A 461 -21.97 2.70 -32.62
C ILE A 461 -22.20 1.49 -31.72
N LEU A 462 -23.43 1.33 -31.22
CA LEU A 462 -23.73 0.23 -30.31
C LEU A 462 -23.66 -1.12 -31.02
N SER A 463 -24.17 -1.19 -32.25
CA SER A 463 -24.26 -2.44 -33.01
C SER A 463 -23.64 -2.24 -34.39
N PRO A 464 -22.31 -2.26 -34.49
CA PRO A 464 -21.67 -2.12 -35.81
C PRO A 464 -21.91 -3.35 -36.66
N LYS A 465 -22.57 -3.16 -37.81
CA LYS A 465 -22.90 -4.29 -38.67
C LYS A 465 -21.66 -4.87 -39.34
N ASN A 466 -20.62 -4.07 -39.52
CA ASN A 466 -19.42 -4.55 -40.20
C ASN A 466 -18.86 -5.80 -39.52
N VAL A 467 -18.53 -6.80 -40.34
CA VAL A 467 -18.00 -8.05 -39.82
C VAL A 467 -16.59 -7.85 -39.29
N GLU A 468 -15.82 -6.95 -39.87
CA GLU A 468 -14.44 -6.69 -39.51
C GLU A 468 -14.27 -5.21 -39.19
N PRO A 469 -13.24 -4.85 -38.44
CA PRO A 469 -13.07 -3.44 -38.04
C PRO A 469 -12.99 -2.50 -39.24
N SER A 470 -13.85 -1.49 -39.22
CA SER A 470 -13.75 -0.37 -40.15
C SER A 470 -13.06 0.80 -39.45
N LYS A 471 -12.63 1.78 -40.26
CA LYS A 471 -11.99 2.95 -39.68
C LYS A 471 -12.93 3.66 -38.69
N PHE A 472 -14.24 3.60 -38.95
CA PHE A 472 -15.20 4.13 -37.98
C PHE A 472 -15.10 3.37 -36.65
N SER A 473 -15.01 2.04 -36.72
CA SER A 473 -14.86 1.26 -35.50
C SER A 473 -13.54 1.56 -34.79
N GLY A 474 -12.46 1.74 -35.56
CA GLY A 474 -11.20 2.08 -34.95
C GLY A 474 -11.24 3.42 -34.23
N LEU A 475 -11.86 4.42 -34.87
CA LEU A 475 -12.01 5.72 -34.23
C LEU A 475 -12.88 5.60 -32.98
N ILE A 476 -13.95 4.79 -33.05
CA ILE A 476 -14.81 4.59 -31.90
C ILE A 476 -14.00 3.98 -30.75
N VAL A 477 -13.16 3.00 -31.05
CA VAL A 477 -12.39 2.36 -30.00
C VAL A 477 -11.35 3.32 -29.43
N ASN A 478 -10.74 4.15 -30.28
CA ASN A 478 -9.79 5.14 -29.78
C ASN A 478 -10.46 6.11 -28.83
N ILE A 479 -11.63 6.64 -29.22
CA ILE A 479 -12.36 7.57 -28.37
C ILE A 479 -12.77 6.89 -27.08
N SER A 480 -13.25 5.65 -27.18
CA SER A 480 -13.66 4.91 -25.99
C SER A 480 -12.49 4.68 -25.06
N ALA A 481 -11.32 4.35 -25.61
CA ALA A 481 -10.13 4.14 -24.78
C ALA A 481 -9.74 5.43 -24.06
N GLY A 482 -9.76 6.56 -24.76
CA GLY A 482 -9.45 7.81 -24.11
C GLY A 482 -10.42 8.14 -22.99
N LEU A 483 -11.72 8.02 -23.27
CA LEU A 483 -12.73 8.28 -22.26
C LEU A 483 -12.58 7.33 -21.08
N LEU A 484 -12.30 6.05 -21.35
CA LEU A 484 -12.16 5.08 -20.27
C LEU A 484 -10.93 5.37 -19.42
N ALA A 485 -9.83 5.78 -20.05
CA ALA A 485 -8.64 6.15 -19.27
C ALA A 485 -8.92 7.33 -18.37
N ALA A 486 -9.55 8.38 -18.91
CA ALA A 486 -9.88 9.54 -18.09
C ALA A 486 -10.83 9.16 -16.96
N LEU A 487 -11.82 8.32 -17.27
CA LEU A 487 -12.81 7.93 -16.28
C LEU A 487 -12.20 7.06 -15.19
N ILE A 488 -11.26 6.18 -15.56
CA ILE A 488 -10.57 5.36 -14.57
C ILE A 488 -9.70 6.24 -13.67
N ILE A 489 -9.06 7.24 -14.26
CA ILE A 489 -8.30 8.19 -13.44
C ILE A 489 -9.23 8.87 -12.45
N THR A 490 -10.40 9.29 -12.92
CA THR A 490 -11.37 9.92 -12.01
C THR A 490 -11.81 8.96 -10.91
N VAL A 491 -12.06 7.70 -11.25
CA VAL A 491 -12.49 6.71 -10.26
C VAL A 491 -11.41 6.54 -9.19
N CYS A 492 -10.15 6.39 -9.64
CA CYS A 492 -9.06 6.22 -8.68
C CYS A 492 -8.90 7.47 -7.82
N ILE A 493 -9.09 8.65 -8.40
CA ILE A 493 -9.00 9.89 -7.62
C ILE A 493 -10.07 9.91 -6.54
N VAL A 494 -11.31 9.56 -6.90
CA VAL A 494 -12.39 9.54 -5.92
C VAL A 494 -12.16 8.44 -4.91
N ALA A 495 -11.60 7.31 -5.34
CA ALA A 495 -11.39 6.17 -4.45
C ALA A 495 -10.19 6.33 -3.53
N VAL A 496 -9.36 7.36 -3.73
CA VAL A 496 -8.18 7.58 -2.90
C VAL A 496 -8.30 8.91 -2.18
N LEU A 497 -8.38 10.01 -2.93
CA LEU A 497 -8.53 11.32 -2.31
C LEU A 497 -9.85 11.42 -1.58
N GLY A 498 -10.92 10.87 -2.15
CA GLY A 498 -12.23 10.88 -1.53
C GLY A 498 -12.54 9.60 -0.78
N ARG A 499 -11.49 8.84 -0.43
CA ARG A 499 -11.70 7.57 0.24
C ARG A 499 -12.46 7.75 1.56
N GLU A 500 -12.04 8.73 2.36
CA GLU A 500 -12.76 9.02 3.59
C GLU A 500 -14.17 9.53 3.29
N ALA A 501 -14.31 10.33 2.24
CA ALA A 501 -15.64 10.82 1.86
C ALA A 501 -16.55 9.66 1.49
N LEU A 502 -16.04 8.69 0.73
CA LEU A 502 -16.84 7.51 0.42
C LEU A 502 -17.17 6.73 1.69
N ALA A 503 -16.19 6.59 2.59
CA ALA A 503 -16.48 5.96 3.87
C ALA A 503 -17.53 6.75 4.65
N GLU A 504 -17.53 8.07 4.51
CA GLU A 504 -18.55 8.91 5.13
C GLU A 504 -19.86 8.91 4.37
N GLY A 505 -19.87 8.44 3.13
CA GLY A 505 -21.09 8.38 2.35
C GLY A 505 -21.67 9.73 1.97
N THR A 506 -20.83 10.71 1.71
CA THR A 506 -21.31 12.00 1.24
C THR A 506 -21.91 11.88 -0.16
N LEU A 507 -22.89 12.72 -0.44
CA LEU A 507 -23.68 12.55 -1.66
C LEU A 507 -22.82 12.70 -2.91
N TRP A 508 -21.91 13.68 -2.91
CA TRP A 508 -21.16 13.96 -4.13
C TRP A 508 -20.17 12.84 -4.43
N ALA A 509 -19.47 12.34 -3.41
CA ALA A 509 -18.50 11.28 -3.63
C ALA A 509 -19.18 10.03 -4.19
N VAL A 510 -20.28 9.61 -3.57
CA VAL A 510 -20.99 8.42 -4.03
C VAL A 510 -21.56 8.64 -5.43
N PHE A 511 -22.11 9.83 -5.67
CA PHE A 511 -22.66 10.12 -7.00
C PHE A 511 -21.58 10.00 -8.07
N VAL A 512 -20.43 10.65 -7.85
CA VAL A 512 -19.35 10.60 -8.84
C VAL A 512 -18.84 9.17 -8.98
N MET A 513 -18.70 8.45 -7.88
CA MET A 513 -18.20 7.08 -7.94
C MET A 513 -19.11 6.20 -8.77
N THR A 514 -20.41 6.20 -8.46
CA THR A 514 -21.34 5.35 -9.20
C THR A 514 -21.42 5.76 -10.66
N GLY A 515 -21.48 7.07 -10.94
CA GLY A 515 -21.52 7.51 -12.32
C GLY A 515 -20.29 7.07 -13.09
N SER A 516 -19.11 7.28 -12.51
CA SER A 516 -17.88 6.92 -13.20
C SER A 516 -17.78 5.41 -13.41
N VAL A 517 -18.14 4.60 -12.41
CA VAL A 517 -18.03 3.16 -12.57
C VAL A 517 -19.02 2.65 -13.61
N LEU A 518 -20.27 3.13 -13.55
CA LEU A 518 -21.26 2.70 -14.53
C LEU A 518 -20.88 3.14 -15.94
N LEU A 519 -20.33 4.35 -16.07
CA LEU A 519 -19.92 4.81 -17.39
C LEU A 519 -18.67 4.06 -17.87
N CYS A 520 -17.79 3.65 -16.96
CA CYS A 520 -16.69 2.78 -17.35
C CYS A 520 -17.21 1.46 -17.90
N MET A 521 -18.20 0.88 -17.23
CA MET A 521 -18.81 -0.35 -17.74
C MET A 521 -19.46 -0.12 -19.09
N LEU A 522 -20.13 1.02 -19.25
CA LEU A 522 -20.78 1.34 -20.52
C LEU A 522 -19.76 1.46 -21.65
N VAL A 523 -18.65 2.16 -21.39
CA VAL A 523 -17.62 2.32 -22.41
C VAL A 523 -16.95 1.00 -22.72
N THR A 524 -16.75 0.15 -21.70
CA THR A 524 -16.20 -1.18 -21.94
C THR A 524 -17.14 -1.99 -22.82
N GLY A 525 -18.45 -1.87 -22.59
CA GLY A 525 -19.40 -2.53 -23.48
C GLY A 525 -19.36 -1.97 -24.89
N ILE A 526 -19.20 -0.65 -25.01
CA ILE A 526 -19.07 -0.04 -26.34
C ILE A 526 -17.89 -0.63 -27.08
N ILE A 527 -16.75 -0.75 -26.41
CA ILE A 527 -15.57 -1.37 -27.02
C ILE A 527 -15.87 -2.83 -27.33
N TRP A 528 -16.60 -3.51 -26.44
CA TRP A 528 -16.88 -4.93 -26.63
C TRP A 528 -17.67 -5.17 -27.92
N ARG A 529 -18.68 -4.34 -28.18
CA ARG A 529 -19.52 -4.55 -29.34
C ARG A 529 -18.77 -4.33 -30.66
N GLN A 530 -17.67 -3.59 -30.63
CA GLN A 530 -16.91 -3.37 -31.85
C GLN A 530 -16.23 -4.68 -32.29
N PRO A 531 -16.16 -4.94 -33.58
CA PRO A 531 -15.48 -6.14 -34.05
C PRO A 531 -13.98 -6.06 -33.81
N GLU A 532 -13.38 -7.21 -33.53
CA GLU A 532 -11.93 -7.30 -33.35
C GLU A 532 -11.25 -7.61 -34.68
N SER A 533 -10.04 -7.09 -34.83
CA SER A 533 -9.27 -7.38 -36.03
C SER A 533 -9.00 -8.88 -36.13
N LYS A 534 -9.20 -9.41 -37.33
CA LYS A 534 -9.00 -10.85 -37.57
C LYS A 534 -7.55 -11.21 -37.85
N THR A 535 -6.65 -10.23 -37.89
CA THR A 535 -5.23 -10.52 -38.05
C THR A 535 -4.78 -11.53 -37.01
N LYS A 536 -4.32 -12.69 -37.47
CA LYS A 536 -3.94 -13.76 -36.55
C LYS A 536 -2.68 -13.38 -35.78
N LEU A 537 -2.70 -13.68 -34.49
CA LEU A 537 -1.57 -13.42 -33.60
C LEU A 537 -1.16 -14.72 -32.92
N SER A 538 0.15 -14.92 -32.77
CA SER A 538 0.65 -16.11 -32.09
C SER A 538 0.18 -16.15 -30.64
N PHE A 539 0.20 -15.02 -29.96
CA PHE A 539 -0.28 -14.91 -28.59
C PHE A 539 -1.28 -13.77 -28.49
N LYS A 540 -2.34 -13.98 -27.71
CA LYS A 540 -3.39 -12.98 -27.53
C LYS A 540 -3.73 -12.86 -26.04
N VAL A 541 -4.11 -11.65 -25.64
CA VAL A 541 -4.70 -11.45 -24.33
C VAL A 541 -6.08 -12.12 -24.30
N PRO A 542 -6.37 -13.00 -23.34
CA PRO A 542 -7.62 -13.78 -23.40
C PRO A 542 -8.87 -12.91 -23.54
N PHE A 543 -9.11 -12.03 -22.58
CA PHE A 543 -10.29 -11.17 -22.56
C PHE A 543 -9.83 -9.74 -22.84
N VAL A 544 -9.77 -9.39 -24.13
CA VAL A 544 -9.23 -8.12 -24.57
C VAL A 544 -10.13 -6.94 -24.20
N PRO A 545 -11.45 -7.08 -24.12
CA PRO A 545 -12.27 -5.93 -23.71
C PRO A 545 -12.22 -5.63 -22.23
N VAL A 546 -11.80 -6.57 -21.40
CA VAL A 546 -11.81 -6.42 -19.95
C VAL A 546 -10.41 -6.48 -19.37
N LEU A 547 -9.60 -7.45 -19.77
CA LEU A 547 -8.30 -7.65 -19.12
C LEU A 547 -7.42 -6.42 -19.24
N PRO A 548 -7.23 -5.82 -20.42
CA PRO A 548 -6.43 -4.59 -20.48
C PRO A 548 -7.01 -3.46 -19.66
N VAL A 549 -8.33 -3.34 -19.63
CA VAL A 549 -8.96 -2.28 -18.84
C VAL A 549 -8.70 -2.51 -17.36
N LEU A 550 -8.83 -3.76 -16.89
CA LEU A 550 -8.53 -4.06 -15.50
C LEU A 550 -7.07 -3.80 -15.18
N SER A 551 -6.17 -4.14 -16.11
CA SER A 551 -4.75 -3.87 -15.91
C SER A 551 -4.50 -2.37 -15.74
N ILE A 552 -5.12 -1.57 -16.62
CA ILE A 552 -4.96 -0.12 -16.53
C ILE A 552 -5.50 0.39 -15.19
N PHE A 553 -6.67 -0.08 -14.80
CA PHE A 553 -7.28 0.37 -13.55
C PHE A 553 -6.39 0.04 -12.35
N VAL A 554 -5.91 -1.19 -12.28
CA VAL A 554 -5.08 -1.61 -11.15
C VAL A 554 -3.78 -0.81 -11.15
N ASN A 555 -3.17 -0.64 -12.32
CA ASN A 555 -1.92 0.12 -12.38
C ASN A 555 -2.14 1.55 -11.89
N ILE A 556 -3.18 2.21 -12.38
CA ILE A 556 -3.41 3.61 -12.01
C ILE A 556 -3.74 3.72 -10.52
N TYR A 557 -4.47 2.74 -9.98
CA TYR A 557 -4.74 2.74 -8.55
C TYR A 557 -3.45 2.64 -7.76
N LEU A 558 -2.56 1.74 -8.17
CA LEU A 558 -1.27 1.58 -7.48
C LEU A 558 -0.45 2.86 -7.56
N MET A 559 -0.46 3.53 -8.72
CA MET A 559 0.20 4.83 -8.81
C MET A 559 -0.41 5.83 -7.84
N MET A 560 -1.74 5.83 -7.72
CA MET A 560 -2.39 6.73 -6.76
C MET A 560 -1.96 6.41 -5.34
N GLN A 561 -1.65 5.15 -5.04
CA GLN A 561 -1.21 4.80 -3.69
C GLN A 561 0.12 5.43 -3.32
N LEU A 562 0.88 5.98 -4.27
CA LEU A 562 2.20 6.48 -3.99
C LEU A 562 2.13 7.89 -3.40
N ASP A 563 3.24 8.30 -2.78
CA ASP A 563 3.29 9.54 -2.01
C ASP A 563 3.34 10.76 -2.93
N GLN A 564 3.11 11.93 -2.31
CA GLN A 564 3.10 13.18 -3.07
C GLN A 564 4.48 13.50 -3.65
N GLY A 565 5.53 13.26 -2.89
CA GLY A 565 6.87 13.54 -3.38
C GLY A 565 7.22 12.72 -4.61
N THR A 566 6.82 11.45 -4.62
CA THR A 566 7.02 10.61 -5.80
C THR A 566 6.30 11.19 -6.99
N TRP A 567 5.06 11.66 -6.80
CA TRP A 567 4.31 12.24 -7.90
C TRP A 567 4.97 13.53 -8.39
N VAL A 568 5.53 14.34 -7.49
CA VAL A 568 6.21 15.56 -7.90
C VAL A 568 7.45 15.23 -8.73
N ARG A 569 8.24 14.25 -8.28
CA ARG A 569 9.41 13.85 -9.03
C ARG A 569 9.01 13.31 -10.41
N PHE A 570 7.97 12.49 -10.45
CA PHE A 570 7.51 11.96 -11.73
C PHE A 570 7.01 13.08 -12.64
N ALA A 571 6.33 14.07 -12.07
CA ALA A 571 5.82 15.19 -12.86
C ALA A 571 6.95 16.00 -13.45
N VAL A 572 8.01 16.27 -12.67
CA VAL A 572 9.12 17.03 -13.22
C VAL A 572 9.86 16.22 -14.27
N TRP A 573 9.98 14.91 -14.07
CA TRP A 573 10.61 14.06 -15.08
C TRP A 573 9.80 14.08 -16.38
N MET A 574 8.48 13.97 -16.28
CA MET A 574 7.64 14.01 -17.47
C MET A 574 7.68 15.38 -18.14
N LEU A 575 7.79 16.45 -17.34
CA LEU A 575 7.96 17.78 -17.91
C LEU A 575 9.25 17.86 -18.72
N ILE A 576 10.34 17.29 -18.18
CA ILE A 576 11.60 17.26 -18.91
C ILE A 576 11.43 16.49 -20.22
N GLY A 577 10.77 15.33 -20.14
CA GLY A 577 10.58 14.53 -21.35
C GLY A 577 9.76 15.25 -22.41
N PHE A 578 8.66 15.89 -21.99
CA PHE A 578 7.84 16.63 -22.94
C PHE A 578 8.59 17.82 -23.52
N THR A 579 9.39 18.50 -22.70
CA THR A 579 10.22 19.59 -23.22
C THR A 579 11.17 19.07 -24.29
N ILE A 580 11.82 17.94 -24.02
CA ILE A 580 12.76 17.38 -24.99
C ILE A 580 12.03 17.04 -26.29
N TYR A 581 10.86 16.40 -26.17
CA TYR A 581 10.14 15.98 -27.37
C TYR A 581 9.68 17.18 -28.19
N PHE A 582 8.99 18.12 -27.54
CA PHE A 582 8.41 19.25 -28.28
C PHE A 582 9.48 20.20 -28.79
N GLY A 583 10.62 20.27 -28.12
CA GLY A 583 11.68 21.16 -28.55
C GLY A 583 12.61 20.53 -29.57
N TYR A 584 12.86 19.23 -29.43
CA TYR A 584 13.81 18.52 -30.28
C TYR A 584 13.23 17.27 -30.93
N GLY A 585 12.37 16.54 -30.22
CA GLY A 585 11.94 15.24 -30.73
C GLY A 585 11.17 15.33 -32.02
N ILE A 586 10.20 16.25 -32.09
CA ILE A 586 9.33 16.32 -33.26
C ILE A 586 10.11 16.74 -34.51
N TRP A 587 11.00 17.72 -34.36
CA TRP A 587 11.68 18.27 -35.53
C TRP A 587 12.80 17.37 -36.04
N HIS A 588 13.49 16.67 -35.14
CA HIS A 588 14.62 15.83 -35.53
C HIS A 588 14.26 14.35 -35.63
N SER A 589 12.97 14.02 -35.64
CA SER A 589 12.56 12.63 -35.78
C SER A 589 13.10 12.05 -37.08
N GLU A 590 13.61 10.81 -37.00
CA GLU A 590 14.21 10.19 -38.17
C GLU A 590 13.17 9.88 -39.23
N GLU A 591 11.93 9.58 -38.84
CA GLU A 591 10.86 9.26 -39.78
C GLU A 591 10.16 10.50 -40.33
N ALA A 592 10.55 11.69 -39.88
CA ALA A 592 9.95 12.93 -40.38
C ALA A 592 10.18 13.09 -41.87
N GLN B 40 -32.07 11.47 57.40
CA GLN B 40 -30.73 11.46 57.99
C GLN B 40 -29.68 11.34 56.89
N VAL B 41 -28.45 11.74 57.20
CA VAL B 41 -27.36 11.72 56.23
C VAL B 41 -26.77 10.33 56.16
N TYR B 42 -26.49 9.85 54.94
CA TYR B 42 -25.79 8.62 54.71
C TYR B 42 -24.57 8.90 53.83
N ASN B 43 -23.59 8.01 53.91
CA ASN B 43 -22.41 8.06 53.06
C ASN B 43 -22.79 7.45 51.71
N ILE B 44 -23.52 8.25 50.92
CA ILE B 44 -24.03 7.77 49.64
C ILE B 44 -22.87 7.50 48.69
N THR B 45 -23.08 6.54 47.78
CA THR B 45 -22.11 6.19 46.76
C THR B 45 -22.87 5.84 45.48
N TRP B 46 -22.46 6.45 44.38
CA TRP B 46 -22.98 6.12 43.06
C TRP B 46 -21.95 5.26 42.35
N GLU B 47 -22.38 4.08 41.90
CA GLU B 47 -21.50 3.09 41.28
C GLU B 47 -21.90 2.89 39.83
N VAL B 48 -20.92 2.97 38.94
CA VAL B 48 -21.08 2.66 37.52
C VAL B 48 -20.36 1.35 37.25
N THR B 49 -21.04 0.43 36.58
CA THR B 49 -20.60 -0.95 36.43
C THR B 49 -20.62 -1.34 34.97
N ASN B 50 -19.79 -2.33 34.62
CA ASN B 50 -19.80 -2.89 33.28
C ASN B 50 -21.03 -3.79 33.10
N GLY B 51 -21.10 -4.44 31.94
CA GLY B 51 -22.19 -5.36 31.69
C GLY B 51 -22.22 -6.55 32.63
N ASP B 52 -21.08 -6.90 33.21
CA ASP B 52 -21.00 -8.01 34.16
C ASP B 52 -21.41 -7.62 35.56
N ARG B 53 -21.89 -6.38 35.76
CA ARG B 53 -22.32 -5.87 37.06
C ARG B 53 -21.17 -5.75 38.05
N GLU B 54 -19.95 -5.59 37.57
CA GLU B 54 -18.80 -5.32 38.43
C GLU B 54 -18.55 -3.82 38.47
N THR B 55 -18.35 -3.28 39.67
CA THR B 55 -18.16 -1.85 39.82
C THR B 55 -16.88 -1.42 39.14
N VAL B 56 -16.99 -0.58 38.12
CA VAL B 56 -15.83 -0.05 37.41
C VAL B 56 -15.51 1.39 37.81
N TRP B 57 -16.49 2.14 38.32
CA TRP B 57 -16.25 3.51 38.74
C TRP B 57 -17.22 3.85 39.86
N ALA B 58 -16.85 4.83 40.68
CA ALA B 58 -17.72 5.19 41.80
C ALA B 58 -17.38 6.58 42.30
N ILE B 59 -18.38 7.24 42.88
CA ILE B 59 -18.21 8.53 43.52
C ILE B 59 -19.02 8.53 44.82
N SER B 60 -18.41 9.01 45.90
CA SER B 60 -18.99 8.93 47.23
C SER B 60 -19.09 10.31 47.86
N GLY B 61 -20.07 10.46 48.75
CA GLY B 61 -20.25 11.70 49.48
C GLY B 61 -21.29 11.59 50.58
N ASN B 62 -21.18 12.41 51.62
CA ASN B 62 -22.11 12.38 52.74
C ASN B 62 -23.30 13.28 52.41
N HIS B 63 -24.45 12.68 52.14
CA HIS B 63 -25.62 13.42 51.73
C HIS B 63 -26.86 12.71 52.24
N PRO B 64 -28.00 13.40 52.32
CA PRO B 64 -29.26 12.70 52.57
C PRO B 64 -29.65 11.82 51.39
N LEU B 65 -30.36 10.74 51.69
CA LEU B 65 -30.74 9.79 50.66
C LEU B 65 -31.73 10.41 49.68
N TRP B 66 -31.53 10.12 48.39
CA TRP B 66 -32.39 10.63 47.33
C TRP B 66 -32.36 12.15 47.26
N THR B 67 -31.21 12.75 47.60
CA THR B 67 -31.01 14.18 47.49
C THR B 67 -29.72 14.57 46.80
N TRP B 68 -28.85 13.62 46.50
CA TRP B 68 -27.57 13.88 45.82
C TRP B 68 -27.60 13.19 44.48
N TRP B 69 -27.51 13.98 43.40
CA TRP B 69 -27.56 13.47 42.03
C TRP B 69 -26.38 14.06 41.25
N PRO B 70 -25.16 13.61 41.56
CA PRO B 70 -23.98 14.16 40.88
C PRO B 70 -23.92 13.71 39.43
N VAL B 71 -23.14 14.46 38.64
CA VAL B 71 -22.86 14.05 37.27
C VAL B 71 -21.85 12.92 37.33
N LEU B 72 -22.28 11.71 36.96
CA LEU B 72 -21.37 10.58 36.90
C LEU B 72 -20.43 10.73 35.71
N THR B 73 -19.14 10.55 35.94
CA THR B 73 -18.12 10.74 34.91
C THR B 73 -17.24 9.50 34.79
N PRO B 74 -17.84 8.37 34.41
CA PRO B 74 -17.03 7.19 34.09
C PRO B 74 -16.51 7.24 32.66
N ASP B 75 -15.29 6.77 32.48
CA ASP B 75 -14.69 6.69 31.16
C ASP B 75 -15.30 5.56 30.36
N LEU B 76 -15.54 5.80 29.08
CA LEU B 76 -16.24 4.82 28.24
C LEU B 76 -15.50 3.49 28.23
N CYS B 77 -14.19 3.51 28.47
CA CYS B 77 -13.40 2.28 28.47
C CYS B 77 -13.61 1.45 29.72
N MET B 78 -13.79 2.10 30.87
CA MET B 78 -14.05 1.36 32.10
C MET B 78 -15.31 0.50 31.97
N LEU B 79 -16.32 1.02 31.28
CA LEU B 79 -17.52 0.23 31.03
C LEU B 79 -17.21 -1.02 30.22
N ALA B 80 -16.19 -0.95 29.37
CA ALA B 80 -15.81 -2.08 28.53
C ALA B 80 -14.84 -3.04 29.22
N LEU B 81 -14.37 -2.73 30.42
CA LEU B 81 -13.49 -3.64 31.14
C LEU B 81 -14.21 -4.97 31.34
N SER B 82 -13.57 -6.06 30.92
CA SER B 82 -14.16 -7.39 30.90
C SER B 82 -15.45 -7.42 30.09
N GLY B 83 -15.56 -6.55 29.09
CA GLY B 83 -16.75 -6.43 28.29
C GLY B 83 -16.66 -7.18 26.98
N PRO B 84 -17.40 -6.71 25.97
CA PRO B 84 -17.38 -7.40 24.68
C PRO B 84 -15.99 -7.41 24.09
N PRO B 85 -15.66 -8.42 23.28
CA PRO B 85 -14.28 -8.54 22.77
C PRO B 85 -13.84 -7.37 21.91
N HIS B 86 -14.77 -6.63 21.30
CA HIS B 86 -14.38 -5.58 20.37
C HIS B 86 -13.51 -4.52 21.05
N TRP B 87 -13.88 -4.13 22.27
CA TRP B 87 -13.16 -3.06 22.95
C TRP B 87 -11.76 -3.47 23.39
N GLY B 88 -11.43 -4.75 23.34
CA GLY B 88 -10.10 -5.21 23.67
C GLY B 88 -9.79 -5.28 25.15
N LEU B 89 -10.79 -5.10 26.02
CA LEU B 89 -10.61 -5.18 27.46
C LEU B 89 -11.34 -6.37 28.06
N GLU B 90 -11.63 -7.40 27.27
CA GLU B 90 -12.38 -8.54 27.76
C GLU B 90 -11.63 -9.28 28.88
N TYR B 91 -10.31 -9.19 28.92
CA TYR B 91 -9.51 -9.85 29.94
C TYR B 91 -8.98 -8.86 30.99
N GLN B 92 -9.47 -7.63 30.99
CA GLN B 92 -9.01 -6.60 31.93
C GLN B 92 -10.02 -6.46 33.06
N ALA B 93 -9.54 -6.57 34.28
CA ALA B 93 -10.39 -6.45 35.46
C ALA B 93 -10.77 -5.00 35.71
N PRO B 94 -11.85 -4.76 36.45
CA PRO B 94 -12.22 -3.38 36.79
C PRO B 94 -11.12 -2.69 37.57
N TYR B 95 -11.01 -1.38 37.36
CA TYR B 95 -9.99 -0.51 37.97
C TYR B 95 -8.60 -0.80 37.44
N SER B 96 -8.45 -1.59 36.38
CA SER B 96 -7.15 -1.87 35.82
C SER B 96 -6.60 -0.63 35.09
N SER B 97 -5.28 -0.55 35.04
CA SER B 97 -4.64 0.59 34.40
C SER B 97 -4.87 0.55 32.88
N PRO B 98 -4.82 1.69 32.21
CA PRO B 98 -5.02 1.71 30.75
C PRO B 98 -3.93 0.94 30.05
N PRO B 99 -4.27 -0.02 29.19
CA PRO B 99 -3.26 -0.81 28.50
C PRO B 99 -2.68 -0.06 27.31
N GLY B 100 -1.60 -0.63 26.77
CA GLY B 100 -0.96 -0.09 25.58
C GLY B 100 0.29 0.70 25.91
N PRO B 101 1.26 0.70 25.00
CA PRO B 101 2.48 1.47 25.24
C PRO B 101 2.20 2.96 25.20
N PRO B 102 3.00 3.76 25.89
CA PRO B 102 2.71 5.21 25.94
C PRO B 102 3.09 5.90 24.63
N CYS B 103 2.31 6.91 24.27
CA CYS B 103 2.69 7.76 23.15
C CYS B 103 3.83 8.68 23.55
N CYS B 104 4.87 8.69 22.73
CA CYS B 104 5.97 9.63 22.91
C CYS B 104 5.70 10.99 22.29
N SER B 105 4.43 11.26 21.93
CA SER B 105 3.97 12.63 21.93
C SER B 105 3.53 13.05 23.34
N GLY B 106 3.42 12.10 24.25
CA GLY B 106 2.90 12.39 25.58
C GLY B 106 3.84 13.24 26.41
N SER B 107 3.31 13.73 27.52
CA SER B 107 4.05 14.61 28.42
C SER B 107 5.32 13.95 28.92
N SER B 108 5.29 12.64 29.14
CA SER B 108 6.45 11.94 29.66
C SER B 108 7.64 11.99 28.71
N GLY B 109 7.43 12.33 27.43
CA GLY B 109 8.50 12.44 26.48
C GLY B 109 8.84 11.12 25.83
N SER B 110 9.79 11.18 24.90
CA SER B 110 10.14 9.99 24.13
C SER B 110 10.88 8.98 25.00
N SER B 111 10.42 7.73 24.92
CA SER B 111 10.97 6.62 25.68
C SER B 111 11.05 5.41 24.78
N ALA B 112 11.93 4.48 25.16
CA ALA B 112 12.08 3.25 24.39
C ALA B 112 10.75 2.54 24.28
N GLY B 113 10.36 2.21 23.05
CA GLY B 113 9.12 1.49 22.82
C GLY B 113 7.89 2.35 22.68
N CYS B 114 8.03 3.64 22.39
CA CYS B 114 6.86 4.48 22.26
C CYS B 114 6.10 4.14 20.99
N SER B 115 4.84 4.54 20.95
CA SER B 115 4.00 4.35 19.76
C SER B 115 3.85 5.68 19.05
N ARG B 116 4.33 5.75 17.82
CA ARG B 116 4.13 6.92 16.97
C ARG B 116 2.78 6.88 16.27
N ASP B 117 2.00 5.83 16.48
CA ASP B 117 0.64 5.77 15.94
C ASP B 117 -0.20 6.95 16.44
N CYS B 118 0.06 7.41 17.67
CA CYS B 118 -0.69 8.53 18.21
C CYS B 118 -0.48 9.81 17.41
N ASP B 119 0.61 9.90 16.65
CA ASP B 119 0.83 11.00 15.72
C ASP B 119 0.39 10.67 14.31
N GLU B 120 0.48 9.41 13.90
CA GLU B 120 0.10 9.02 12.56
C GLU B 120 -1.42 9.09 12.40
N PRO B 121 -1.91 9.13 11.16
CA PRO B 121 -3.35 9.26 10.96
C PRO B 121 -4.12 8.14 11.64
N LEU B 122 -5.28 8.50 12.20
CA LEU B 122 -6.16 7.56 12.88
C LEU B 122 -7.18 6.93 11.95
N THR B 123 -7.11 7.20 10.64
CA THR B 123 -8.14 6.74 9.72
C THR B 123 -8.22 5.23 9.70
N SER B 124 -7.09 4.54 9.73
CA SER B 124 -7.04 3.10 9.60
C SER B 124 -7.24 2.36 10.92
N LEU B 125 -7.38 3.07 12.03
CA LEU B 125 -7.52 2.44 13.33
C LEU B 125 -8.99 2.12 13.62
N THR B 126 -9.19 1.17 14.54
CA THR B 126 -10.51 0.79 15.01
C THR B 126 -10.83 1.50 16.32
N PRO B 127 -12.04 2.05 16.49
CA PRO B 127 -12.36 2.70 17.77
C PRO B 127 -12.51 1.69 18.90
N ARG B 128 -11.52 1.63 19.78
CA ARG B 128 -11.53 0.70 20.90
C ARG B 128 -10.58 1.23 21.97
N CYS B 129 -10.39 0.44 23.03
CA CYS B 129 -9.73 0.91 24.23
C CYS B 129 -8.46 0.16 24.59
N ASN B 130 -7.94 -0.71 23.72
CA ASN B 130 -6.78 -1.51 24.07
C ASN B 130 -5.46 -0.77 23.91
N THR B 131 -5.45 0.40 23.26
CA THR B 131 -4.23 1.16 23.09
C THR B 131 -4.56 2.65 23.09
N ALA B 132 -3.53 3.46 23.33
CA ALA B 132 -3.72 4.91 23.39
C ALA B 132 -4.21 5.46 22.06
N TRP B 133 -3.65 4.98 20.95
CA TRP B 133 -4.08 5.46 19.64
C TRP B 133 -5.46 4.94 19.28
N ASN B 134 -5.77 3.70 19.69
CA ASN B 134 -7.13 3.21 19.53
C ASN B 134 -8.11 4.03 20.36
N ARG B 135 -7.68 4.48 21.54
CA ARG B 135 -8.53 5.37 22.33
C ARG B 135 -8.68 6.74 21.67
N LEU B 136 -7.64 7.23 21.00
CA LEU B 136 -7.77 8.46 20.24
C LEU B 136 -8.79 8.29 19.11
N LYS B 137 -8.74 7.16 18.42
CA LYS B 137 -9.72 6.88 17.38
C LYS B 137 -11.13 6.79 17.95
N LEU B 138 -11.26 6.16 19.12
CA LEU B 138 -12.56 6.09 19.78
C LEU B 138 -13.07 7.48 20.12
N ASP B 139 -12.19 8.35 20.62
CA ASP B 139 -12.59 9.73 20.91
C ASP B 139 -13.03 10.44 19.64
N GLN B 140 -12.30 10.25 18.54
CA GLN B 140 -12.67 10.87 17.28
C GLN B 140 -14.05 10.39 16.83
N VAL B 141 -14.30 9.10 16.93
CA VAL B 141 -15.61 8.55 16.52
C VAL B 141 -16.70 9.09 17.43
N THR B 142 -16.43 9.20 18.73
CA THR B 142 -17.39 9.67 19.71
C THR B 142 -17.63 11.17 19.62
N HIS B 143 -16.75 11.91 18.95
CA HIS B 143 -16.91 13.36 18.80
C HIS B 143 -17.30 13.81 17.41
N LYS B 144 -17.03 13.00 16.38
CA LYS B 144 -17.38 13.39 15.02
C LYS B 144 -18.88 13.58 14.88
N SER B 145 -19.29 14.64 14.19
CA SER B 145 -20.71 14.92 14.01
C SER B 145 -21.40 13.81 13.22
N SER B 146 -20.74 13.32 12.16
CA SER B 146 -21.30 12.23 11.36
C SER B 146 -21.30 10.90 12.11
N GLU B 147 -20.67 10.83 13.28
CA GLU B 147 -20.60 9.60 14.06
C GLU B 147 -20.93 9.93 15.52
N GLY B 148 -20.71 8.98 16.41
CA GLY B 148 -20.96 9.21 17.83
C GLY B 148 -21.38 7.91 18.50
N PHE B 149 -22.20 8.06 19.54
CA PHE B 149 -22.71 6.92 20.28
C PHE B 149 -24.15 7.18 20.69
N TYR B 150 -24.91 6.10 20.84
CA TYR B 150 -26.29 6.19 21.28
C TYR B 150 -26.54 5.14 22.35
N VAL B 151 -27.41 5.48 23.31
CA VAL B 151 -27.65 4.68 24.50
C VAL B 151 -29.12 4.29 24.53
N CYS B 152 -29.39 3.00 24.77
CA CYS B 152 -30.75 2.49 24.87
C CYS B 152 -31.00 1.92 26.26
N PRO B 153 -32.20 2.07 26.80
CA PRO B 153 -32.47 1.56 28.16
C PRO B 153 -32.60 0.05 28.19
N GLY B 154 -32.44 -0.49 29.39
CA GLY B 154 -32.50 -1.93 29.59
C GLY B 154 -33.79 -2.41 30.21
N SER B 155 -33.69 -3.12 31.34
CA SER B 155 -34.87 -3.71 31.95
C SER B 155 -35.86 -2.65 32.43
N HIS B 156 -35.36 -1.48 32.82
CA HIS B 156 -36.24 -0.42 33.33
C HIS B 156 -37.13 0.18 32.26
N ARG B 157 -36.89 -0.14 30.99
CA ARG B 157 -37.73 0.38 29.92
C ARG B 157 -39.15 -0.17 30.06
N PRO B 158 -40.15 0.56 29.56
CA PRO B 158 -41.53 0.07 29.64
C PRO B 158 -41.73 -1.16 28.77
N ARG B 159 -42.73 -1.96 29.14
CA ARG B 159 -43.02 -3.18 28.39
C ARG B 159 -43.28 -2.89 26.92
N GLU B 160 -43.80 -1.70 26.61
CA GLU B 160 -44.02 -1.33 25.22
C GLU B 160 -42.72 -1.27 24.43
N ALA B 161 -41.59 -1.09 25.11
CA ALA B 161 -40.28 -1.08 24.48
C ALA B 161 -39.62 -2.46 24.47
N LYS B 162 -40.34 -3.50 24.90
CA LYS B 162 -39.77 -4.83 24.95
C LYS B 162 -39.34 -5.33 23.58
N SER B 163 -39.86 -4.73 22.50
CA SER B 163 -39.45 -5.10 21.16
C SER B 163 -38.02 -4.70 20.85
N CYS B 164 -37.39 -3.89 21.70
CA CYS B 164 -36.04 -3.40 21.45
C CYS B 164 -34.97 -4.45 21.61
N GLY B 165 -35.32 -5.64 22.13
CA GLY B 165 -34.37 -6.72 22.26
C GLY B 165 -33.66 -6.72 23.60
N GLY B 166 -32.87 -7.78 23.82
CA GLY B 166 -32.18 -7.99 25.07
C GLY B 166 -30.74 -7.53 25.02
N PRO B 167 -29.92 -7.98 25.97
CA PRO B 167 -28.51 -7.54 26.01
C PRO B 167 -27.76 -7.88 24.74
N ASP B 168 -28.08 -9.00 24.07
CA ASP B 168 -27.36 -9.36 22.86
C ASP B 168 -27.43 -8.24 21.82
N SER B 169 -28.53 -7.49 21.78
CA SER B 169 -28.68 -6.35 20.90
C SER B 169 -28.31 -5.04 21.57
N PHE B 170 -27.86 -5.07 22.83
CA PHE B 170 -27.58 -3.87 23.59
C PHE B 170 -28.83 -3.00 23.73
N TYR B 171 -30.00 -3.63 23.67
CA TYR B 171 -31.28 -2.94 23.76
C TYR B 171 -31.48 -1.92 22.64
N CYS B 172 -30.77 -2.08 21.52
CA CYS B 172 -30.85 -1.18 20.38
C CYS B 172 -31.13 -1.98 19.10
N ALA B 173 -32.12 -2.88 19.18
CA ALA B 173 -32.42 -3.74 18.04
C ALA B 173 -32.88 -2.93 16.83
N SER B 174 -33.51 -1.78 17.06
CA SER B 174 -34.02 -0.97 15.96
C SER B 174 -33.96 0.50 16.35
N TRP B 175 -33.97 1.35 15.33
CA TRP B 175 -33.93 2.78 15.57
C TRP B 175 -35.21 3.24 16.29
N GLY B 176 -35.06 4.28 17.09
CA GLY B 176 -36.11 4.74 17.98
C GLY B 176 -36.03 4.18 19.38
N CYS B 177 -35.30 3.08 19.58
CA CYS B 177 -35.07 2.55 20.91
C CYS B 177 -34.09 3.40 21.69
N GLU B 178 -33.12 4.02 21.00
CA GLU B 178 -32.16 4.88 21.68
C GLU B 178 -32.87 6.06 22.32
N THR B 179 -32.52 6.36 23.57
CA THR B 179 -33.12 7.46 24.30
C THR B 179 -32.16 8.63 24.52
N THR B 180 -30.86 8.39 24.54
CA THR B 180 -29.89 9.45 24.70
C THR B 180 -28.59 9.13 23.96
N GLY B 181 -27.53 9.86 24.28
CA GLY B 181 -26.28 9.74 23.54
C GLY B 181 -26.08 10.93 22.62
N ARG B 182 -24.87 11.03 22.08
CA ARG B 182 -24.46 12.15 21.24
C ARG B 182 -24.41 11.70 19.79
N VAL B 183 -25.39 12.15 19.00
CA VAL B 183 -25.40 11.94 17.55
C VAL B 183 -26.04 13.16 16.91
N TYR B 184 -26.10 13.18 15.57
CA TYR B 184 -26.55 14.38 14.89
C TYR B 184 -28.03 14.65 15.12
N TRP B 185 -28.85 13.60 15.29
CA TRP B 185 -30.28 13.80 15.50
C TRP B 185 -30.65 14.00 16.97
N LYS B 186 -29.67 13.96 17.88
CA LYS B 186 -29.86 14.32 19.28
C LYS B 186 -31.08 13.62 19.88
N PRO B 187 -31.03 12.31 20.06
CA PRO B 187 -32.16 11.61 20.68
C PRO B 187 -32.40 12.06 22.11
N SER B 188 -33.66 12.05 22.52
CA SER B 188 -34.04 12.43 23.87
C SER B 188 -35.26 11.64 24.29
N SER B 189 -35.46 11.52 25.60
CA SER B 189 -36.58 10.81 26.15
C SER B 189 -37.08 11.52 27.40
N SER B 190 -38.40 11.61 27.53
CA SER B 190 -39.00 12.24 28.70
C SER B 190 -39.17 11.28 29.87
N TRP B 191 -38.87 9.99 29.68
CA TRP B 191 -39.01 8.99 30.73
C TRP B 191 -37.72 8.27 31.07
N ASP B 192 -36.72 8.27 30.18
CA ASP B 192 -35.45 7.64 30.49
C ASP B 192 -34.77 8.38 31.64
N TYR B 193 -34.07 7.62 32.49
CA TYR B 193 -33.56 8.15 33.74
C TYR B 193 -32.28 8.98 33.59
N ILE B 194 -31.55 8.82 32.49
CA ILE B 194 -30.25 9.47 32.33
C ILE B 194 -30.10 10.05 30.93
N THR B 195 -29.18 11.01 30.82
CA THR B 195 -28.70 11.52 29.55
C THR B 195 -27.17 11.42 29.53
N VAL B 196 -26.64 10.97 28.40
CA VAL B 196 -25.21 10.69 28.26
C VAL B 196 -24.64 11.61 27.19
N ASP B 197 -23.54 12.28 27.52
CA ASP B 197 -22.84 13.16 26.59
C ASP B 197 -21.34 12.96 26.80
N ASN B 198 -20.53 13.70 26.05
CA ASN B 198 -19.08 13.66 26.24
C ASN B 198 -18.65 14.72 27.23
N ASN B 199 -17.86 14.29 28.23
CA ASN B 199 -17.42 15.21 29.27
C ASN B 199 -16.33 16.16 28.78
N LEU B 200 -15.52 15.74 27.81
CA LEU B 200 -14.41 16.53 27.32
C LEU B 200 -14.53 16.69 25.81
N THR B 201 -14.07 17.84 25.31
CA THR B 201 -13.99 18.07 23.88
C THR B 201 -12.78 17.33 23.31
N THR B 202 -12.72 17.28 21.97
CA THR B 202 -11.63 16.56 21.32
C THR B 202 -10.27 17.16 21.68
N SER B 203 -10.18 18.49 21.69
CA SER B 203 -8.91 19.12 22.03
C SER B 203 -8.49 18.78 23.45
N GLN B 204 -9.43 18.81 24.39
CA GLN B 204 -9.10 18.48 25.78
C GLN B 204 -8.67 17.02 25.92
N ALA B 205 -9.34 16.12 25.20
CA ALA B 205 -9.13 14.69 25.37
C ALA B 205 -7.91 14.16 24.61
N VAL B 206 -7.46 14.86 23.56
CA VAL B 206 -6.37 14.33 22.75
C VAL B 206 -5.10 14.21 23.58
N GLN B 207 -4.76 15.26 24.34
CA GLN B 207 -3.55 15.22 25.14
C GLN B 207 -3.66 14.22 26.28
N VAL B 208 -4.86 14.07 26.86
CA VAL B 208 -5.07 13.06 27.88
C VAL B 208 -4.83 11.67 27.29
N CYS B 209 -5.30 11.42 26.08
CA CYS B 209 -5.03 10.16 25.41
C CYS B 209 -3.53 9.97 25.20
N LYS B 210 -2.85 11.02 24.72
CA LYS B 210 -1.41 10.90 24.46
C LYS B 210 -0.62 10.65 25.73
N ASP B 211 -1.17 11.01 26.89
CA ASP B 211 -0.53 10.71 28.16
C ASP B 211 -0.76 9.27 28.60
N ASN B 212 -1.45 8.46 27.79
CA ASN B 212 -1.72 7.06 28.10
C ASN B 212 -2.64 6.92 29.31
N LYS B 213 -3.51 7.90 29.52
CA LYS B 213 -4.51 7.87 30.57
C LYS B 213 -5.88 7.56 29.98
N TRP B 214 -6.82 7.23 30.87
CA TRP B 214 -8.21 7.08 30.45
C TRP B 214 -8.73 8.42 29.94
N CYS B 215 -9.17 8.44 28.68
CA CYS B 215 -9.38 9.72 27.99
C CYS B 215 -10.65 9.73 27.16
N ASN B 216 -11.68 8.99 27.56
CA ASN B 216 -13.01 9.06 26.95
C ASN B 216 -14.06 9.20 28.04
N PRO B 217 -14.00 10.28 28.82
CA PRO B 217 -14.92 10.43 29.96
C PRO B 217 -16.33 10.78 29.50
N LEU B 218 -17.28 9.91 29.80
CA LEU B 218 -18.68 10.22 29.58
C LEU B 218 -19.17 11.15 30.69
N ALA B 219 -20.25 11.87 30.39
CA ALA B 219 -20.94 12.71 31.34
C ALA B 219 -22.39 12.24 31.39
N ILE B 220 -22.78 11.63 32.51
CA ILE B 220 -24.10 11.05 32.67
C ILE B 220 -24.85 11.89 33.70
N GLN B 221 -25.95 12.49 33.28
CA GLN B 221 -26.76 13.35 34.12
C GLN B 221 -28.12 12.69 34.33
N PHE B 222 -28.53 12.58 35.59
CA PHE B 222 -29.85 12.04 35.88
C PHE B 222 -30.93 12.97 35.35
N THR B 223 -31.82 12.43 34.53
CA THR B 223 -33.01 13.17 34.14
C THR B 223 -33.93 13.31 35.34
N ASN B 224 -34.96 14.14 35.19
CA ASN B 224 -35.95 14.24 36.25
C ASN B 224 -36.49 12.86 36.58
N ALA B 225 -36.96 12.14 35.56
CA ALA B 225 -37.58 10.85 35.78
C ALA B 225 -36.67 9.93 36.58
N GLY B 226 -35.37 9.98 36.31
CA GLY B 226 -34.42 9.27 37.14
C GLY B 226 -34.41 9.76 38.57
N LYS B 227 -34.51 11.08 38.76
CA LYS B 227 -34.46 11.63 40.11
C LYS B 227 -35.65 11.20 40.94
N GLN B 228 -36.87 11.23 40.38
CA GLN B 228 -38.00 10.76 41.18
C GLN B 228 -37.92 9.27 41.46
N VAL B 229 -37.26 8.52 40.58
CA VAL B 229 -37.17 7.07 40.75
C VAL B 229 -36.27 6.75 41.94
N THR B 230 -36.62 5.68 42.67
CA THR B 230 -35.90 5.28 43.86
C THR B 230 -35.39 3.84 43.78
N SER B 231 -35.56 3.17 42.64
CA SER B 231 -35.12 1.79 42.48
C SER B 231 -33.65 1.68 42.10
N TRP B 232 -32.86 2.74 42.31
CA TRP B 232 -31.44 2.68 41.99
C TRP B 232 -30.69 1.66 42.83
N THR B 233 -31.24 1.28 43.99
CA THR B 233 -30.59 0.27 44.82
C THR B 233 -30.45 -1.05 44.06
N THR B 234 -31.50 -1.46 43.35
CA THR B 234 -31.42 -2.66 42.51
C THR B 234 -30.57 -2.45 41.27
N GLY B 235 -30.37 -1.19 40.86
CA GLY B 235 -29.53 -0.90 39.71
C GLY B 235 -30.27 -0.93 38.40
N HIS B 236 -29.94 -0.01 37.51
CA HIS B 236 -30.50 0.05 36.16
C HIS B 236 -29.38 -0.08 35.14
N TYR B 237 -29.73 -0.51 33.93
CA TYR B 237 -28.73 -0.85 32.93
C TYR B 237 -29.11 -0.28 31.57
N TRP B 238 -28.07 0.06 30.81
CA TRP B 238 -28.21 0.64 29.48
C TRP B 238 -27.22 -0.04 28.54
N GLY B 239 -27.51 0.07 27.25
CA GLY B 239 -26.61 -0.40 26.21
C GLY B 239 -26.14 0.74 25.34
N LEU B 240 -24.82 0.93 25.25
CA LEU B 240 -24.22 2.04 24.51
C LEU B 240 -23.55 1.48 23.27
N ARG B 241 -23.96 1.98 22.10
CA ARG B 241 -23.44 1.49 20.82
C ARG B 241 -22.87 2.65 20.01
N LEU B 242 -21.72 2.40 19.39
CA LEU B 242 -21.14 3.39 18.48
C LEU B 242 -21.90 3.43 17.16
N TYR B 243 -22.19 4.63 16.70
CA TYR B 243 -22.89 4.86 15.44
C TYR B 243 -21.84 5.05 14.35
N VAL B 244 -21.39 3.93 13.77
CA VAL B 244 -20.34 3.92 12.77
C VAL B 244 -20.83 3.16 11.54
N SER B 245 -19.94 2.98 10.58
CA SER B 245 -20.24 2.23 9.36
C SER B 245 -19.77 0.79 9.56
N GLY B 246 -20.73 -0.12 9.71
CA GLY B 246 -20.40 -1.53 9.86
C GLY B 246 -21.02 -2.18 11.08
N ARG B 247 -20.18 -2.67 11.99
CA ARG B 247 -20.66 -3.45 13.12
C ARG B 247 -21.51 -2.61 14.06
N ASP B 248 -21.15 -1.33 14.25
CA ASP B 248 -21.75 -0.52 15.30
C ASP B 248 -21.58 -1.25 16.62
N PRO B 249 -20.35 -1.60 16.98
CA PRO B 249 -20.14 -2.37 18.22
C PRO B 249 -20.55 -1.58 19.45
N GLY B 250 -21.01 -2.29 20.47
CA GLY B 250 -21.49 -1.66 21.68
C GLY B 250 -21.15 -2.48 22.91
N LEU B 251 -21.50 -1.92 24.05
CA LEU B 251 -21.31 -2.55 25.36
C LEU B 251 -22.53 -2.31 26.21
N THR B 252 -22.57 -2.96 27.36
CA THR B 252 -23.62 -2.79 28.35
C THR B 252 -23.00 -2.23 29.63
N PHE B 253 -23.60 -1.16 30.15
CA PHE B 253 -23.16 -0.58 31.41
C PHE B 253 -24.37 -0.40 32.32
N GLY B 254 -24.10 -0.03 33.56
CA GLY B 254 -25.16 0.11 34.54
C GLY B 254 -24.81 1.14 35.60
N ILE B 255 -25.86 1.65 36.24
CA ILE B 255 -25.72 2.62 37.32
C ILE B 255 -26.51 2.11 38.52
N ARG B 256 -25.94 2.28 39.72
CA ARG B 256 -26.61 1.82 40.94
C ARG B 256 -26.16 2.69 42.10
N LEU B 257 -26.88 2.55 43.22
CA LEU B 257 -26.65 3.35 44.42
C LEU B 257 -26.42 2.44 45.62
N ARG B 258 -25.45 2.84 46.45
CA ARG B 258 -25.14 2.22 47.72
C ARG B 258 -25.13 3.28 48.82
N TYR B 259 -25.43 2.83 50.04
CA TYR B 259 -25.48 3.75 51.17
C TYR B 259 -25.19 2.98 52.45
N GLN B 260 -24.60 3.69 53.41
CA GLN B 260 -24.31 3.13 54.72
C GLN B 260 -24.32 4.25 55.74
N ASN B 261 -24.54 3.89 56.99
CA ASN B 261 -24.62 4.89 58.06
C ASN B 261 -23.26 5.51 58.31
N LEU B 262 -23.22 6.84 58.36
CA LEU B 262 -21.97 7.56 58.60
C LEU B 262 -22.23 9.04 58.79
C1 NAG C . -18.04 6.08 52.20
C2 NAG C . -16.75 6.02 53.02
C3 NAG C . -15.55 5.91 52.10
C4 NAG C . -15.73 4.73 51.14
C5 NAG C . -17.08 4.80 50.43
C6 NAG C . -17.38 3.57 49.61
C7 NAG C . -16.69 7.14 55.21
C8 NAG C . -16.54 8.44 55.93
N2 NAG C . -16.63 7.20 53.88
O3 NAG C . -14.36 5.72 52.87
O4 NAG C . -14.69 4.75 50.16
O5 NAG C . -18.13 4.91 51.40
O6 NAG C . -17.09 2.38 50.33
O7 NAG C . -16.88 6.08 55.80
H3 NAG C . -15.46 6.72 51.58
H4 NAG C . -15.68 3.89 51.65
H5 NAG C . -17.09 5.58 49.86
H61 NAG C . -16.85 3.59 48.80
H62 NAG C . -18.33 3.58 49.37
H81 NAG C . -16.59 8.29 56.90
H82 NAG C . -17.26 9.05 55.66
H83 NAG C . -15.68 8.83 55.71
HN2 NAG C . -16.49 8.01 53.48
HO3 NAG C . -13.67 5.64 52.33
C1 NAG C . -13.87 3.58 50.33
C2 NAG C . -13.39 3.12 48.95
C3 NAG C . -12.47 1.92 49.09
C4 NAG C . -11.30 2.28 50.00
C5 NAG C . -11.85 2.74 51.35
C6 NAG C . -10.76 3.19 52.30
C7 NAG C . -14.86 3.56 47.02
C8 NAG C . -14.01 4.78 46.78
N2 NAG C . -14.51 2.81 48.08
O3 NAG C . -12.01 1.51 47.81
O4 NAG C . -10.43 1.17 50.21
O5 NAG C . -12.72 3.86 51.16
O6 NAG C . -9.54 3.43 51.62
O7 NAG C . -15.81 3.27 46.31
H3 NAG C . -12.97 1.18 49.49
H4 NAG C . -10.83 3.03 49.62
H5 NAG C . -12.34 2.01 51.76
H61 NAG C . -10.61 2.50 52.97
H62 NAG C . -11.04 4.01 52.74
H81 NAG C . -14.35 5.25 46.01
H82 NAG C . -13.09 4.51 46.63
H83 NAG C . -14.06 5.36 47.56
HN2 NAG C . -15.01 2.05 48.25
HO3 NAG C . -12.09 0.63 47.73
HO6 NAG C . -8.87 3.49 52.21
C1 BMA C . -9.54 0.80 49.11
C2 BMA C . -9.36 1.91 48.05
C3 BMA C . -8.43 1.40 46.96
C4 BMA C . -7.09 0.97 47.57
C5 BMA C . -7.31 -0.05 48.70
C6 BMA C . -6.03 -0.39 49.45
O2 BMA C . -8.73 3.05 48.61
O3 BMA C . -8.23 2.39 45.96
O4 BMA C . -6.26 0.42 46.57
O5 BMA C . -8.25 0.48 49.66
O6 BMA C . -5.64 -1.71 49.12
H4 BMA C . -6.62 1.87 48.02
H5 BMA C . -7.70 -0.99 48.27
H61 BMA C . -6.22 -0.27 50.53
H62 BMA C . -5.28 0.35 49.15
HO4 BMA C . -5.37 0.78 46.73
HO6 BMA C . -4.81 -1.89 49.58
C1 MAN C . -8.48 1.82 44.65
C2 MAN C . -8.57 3.01 43.64
C3 MAN C . -9.88 3.77 43.84
C4 MAN C . -11.07 2.81 43.77
C5 MAN C . -10.90 1.72 44.86
C6 MAN C . -12.02 0.70 44.82
O2 MAN C . -8.60 2.54 42.29
O3 MAN C . -10.04 4.80 42.88
O4 MAN C . -12.28 3.51 44.00
O5 MAN C . -9.66 1.02 44.64
O6 MAN C . -11.45 -0.58 45.12
H4 MAN C . -11.08 2.32 42.79
H5 MAN C . -10.91 2.21 45.84
H61 MAN C . -12.48 0.71 43.83
H62 MAN C . -12.78 0.99 45.55
HO4 MAN C . -12.98 2.90 43.75
HO6 MAN C . -10.70 -0.71 44.53
C1 FUC C . -17.11 1.26 49.43
C2 FUC C . -16.64 0.02 50.21
C3 FUC C . -17.64 -0.33 51.31
C4 FUC C . -19.04 -0.53 50.71
C5 FUC C . -19.44 0.71 49.88
C6 FUC C . -20.72 0.50 49.08
O2 FUC C . -15.34 0.19 50.74
O3 FUC C . -17.27 -1.55 51.94
O4 FUC C . -19.05 -1.68 49.89
O5 FUC C . -18.42 1.06 48.91
H5 FUC C . -19.55 1.55 50.58
H61 FUC C . -20.95 1.40 48.51
H62 FUC C . -21.55 0.28 49.76
H63 FUC C . -20.61 -0.34 48.39
C1 NAG D . -15.09 16.19 33.27
C2 NAG D . -13.59 16.36 33.46
C3 NAG D . -13.32 17.18 34.73
C4 NAG D . -14.09 18.49 34.69
C5 NAG D . -15.57 18.25 34.39
C6 NAG D . -16.35 19.52 34.18
C7 NAG D . -13.26 14.12 34.42
C8 NAG D . -12.45 12.85 34.35
N2 NAG D . -12.92 15.07 33.54
O3 NAG D . -11.92 17.43 34.84
O4 NAG D . -13.98 19.15 35.94
O5 NAG D . -15.71 17.46 33.19
O6 NAG D . -16.06 20.09 32.91
O7 NAG D . -14.17 14.27 35.22
H3 NAG D . -13.60 16.67 35.51
H4 NAG D . -13.71 19.07 33.99
H5 NAG D . -15.96 17.75 35.14
H61 NAG D . -16.12 20.15 34.88
H62 NAG D . -17.30 19.32 34.22
H81 NAG D . -12.77 12.23 35.03
H82 NAG D . -11.51 13.05 34.50
H83 NAG D . -12.56 12.45 33.46
HN2 NAG D . -12.23 14.90 32.96
HO3 NAG D . -11.76 17.87 35.60
HO6 NAG D . -15.84 19.46 32.34
C1 NAG D . -13.16 20.33 35.82
C2 NAG D . -13.65 21.36 36.83
C3 NAG D . -12.76 22.61 36.78
C4 NAG D . -11.30 22.22 36.96
C5 NAG D . -10.91 21.16 35.94
C6 NAG D . -9.50 20.65 36.14
C7 NAG D . -16.04 21.29 37.37
C8 NAG D . -17.41 21.75 36.98
N2 NAG D . -15.04 21.71 36.59
O3 NAG D . -13.16 23.51 37.81
O4 NAG D . -10.47 23.36 36.81
O5 NAG D . -11.77 20.02 36.06
O6 NAG D . -9.47 19.51 37.00
O7 NAG D . -15.85 20.56 38.33
H3 NAG D . -12.87 23.04 35.92
H4 NAG D . -11.17 21.86 37.87
H5 NAG D . -10.99 21.53 35.05
H61 NAG D . -8.96 21.35 36.53
H62 NAG D . -9.13 20.40 35.27
H81 NAG D . -18.07 21.35 37.57
H82 NAG D . -17.60 21.48 36.05
H83 NAG D . -17.46 22.73 37.04
HN2 NAG D . -15.23 22.25 35.89
HO3 NAG D . -12.65 24.24 37.78
HO6 NAG D . -10.30 19.20 37.11
C1 BMA D . -9.94 23.74 38.09
C2 BMA D . -8.45 24.13 37.90
C3 BMA D . -7.89 24.67 39.22
C4 BMA D . -8.81 25.75 39.83
C5 BMA D . -10.24 25.20 39.97
C6 BMA D . -11.22 26.21 40.52
O2 BMA D . -8.33 25.17 36.94
O3 BMA D . -6.58 25.20 39.05
O4 BMA D . -8.33 26.13 41.10
O5 BMA D . -10.69 24.80 38.66
O6 BMA D . -12.48 25.57 40.68
H4 BMA D . -8.85 26.60 39.14
H5 BMA D . -10.24 24.32 40.63
H61 BMA D . -11.27 27.07 39.82
H62 BMA D . -10.81 26.57 41.48
HO4 BMA D . -7.38 25.95 41.08
HO6 BMA D . -12.59 24.95 39.95
C1 NAG E . 2.15 -12.02 23.58
C2 NAG E . 2.91 -13.33 23.38
C3 NAG E . 2.09 -14.49 23.89
C4 NAG E . 1.65 -14.26 25.33
C5 NAG E . 0.97 -12.91 25.47
C6 NAG E . 0.65 -12.55 26.90
C7 NAG E . 4.52 -13.56 21.54
C8 NAG E . 4.70 -13.75 20.07
N2 NAG E . 3.25 -13.50 21.98
O3 NAG E . 2.87 -15.69 23.80
O4 NAG E . 0.72 -15.29 25.71
O5 NAG E . 1.82 -11.87 24.97
O6 NAG E . 1.82 -12.59 27.72
O7 NAG E . 5.47 -13.46 22.31
H3 NAG E . 1.30 -14.60 23.33
H4 NAG E . 2.42 -14.30 25.91
H5 NAG E . 0.14 -12.91 24.95
H61 NAG E . -0.01 -13.18 27.25
H62 NAG E . 0.27 -11.66 26.94
H81 NAG E . 5.65 -13.71 19.84
H82 NAG E . 4.22 -13.05 19.59
H83 NAG E . 4.34 -14.63 19.81
HN2 NAG E . 2.59 -13.58 21.37
HO3 NAG E . 2.83 -16.12 24.58
HO6 NAG E . 1.62 -12.28 28.53
C1 NAG E . 1.26 -16.03 26.82
C2 NAG E . 0.24 -17.12 27.18
C3 NAG E . 0.77 -17.98 28.33
C4 NAG E . 2.15 -18.52 27.99
C5 NAG E . 3.08 -17.38 27.60
C6 NAG E . 4.44 -17.86 27.13
C7 NAG E . -1.94 -16.16 26.61
C8 NAG E . -3.22 -15.58 27.14
N2 NAG E . -1.04 -16.54 27.53
O3 NAG E . -0.13 -19.05 28.57
O4 NAG E . 2.69 -19.21 29.12
O5 NAG E . 2.51 -16.64 26.51
O6 NAG E . 5.45 -17.54 28.08
O7 NAG E . -1.73 -16.28 25.41
H3 NAG E . 0.83 -17.43 29.13
H4 NAG E . 2.08 -19.14 27.24
H5 NAG E . 3.20 -16.79 28.36
H61 NAG E . 4.66 -17.43 26.28
H62 NAG E . 4.41 -18.82 27.01
H81 NAG E . -3.80 -15.33 26.41
H82 NAG E . -3.02 -14.78 27.68
H83 NAG E . -3.67 -16.24 27.70
HN2 NAG E . -1.25 -16.43 28.41
HO3 NAG E . 0.32 -19.75 28.86
HO4 NAG E . 3.22 -19.86 28.84
HO6 NAG E . 6.23 -17.89 27.81
CAA Y01 F . 37.38 0.18 -4.39
CBA Y01 F . 36.22 -0.71 -4.87
CAB Y01 F . 36.77 -1.79 -5.79
CAN Y01 F . 35.42 -1.25 -3.68
CAJ Y01 F . 35.03 -2.72 -3.67
CAO Y01 F . 33.76 -3.02 -4.48
CBB Y01 F . 33.87 -3.96 -5.70
CAC Y01 F . 34.91 -5.05 -5.48
CBE Y01 F . 32.49 -4.52 -6.06
CAP Y01 F . 31.36 -3.45 -5.98
CAQ Y01 F . 30.25 -3.88 -6.95
CBG Y01 F . 30.70 -5.25 -7.44
CBI Y01 F . 32.23 -5.17 -7.44
CAE Y01 F . 32.76 -4.26 -8.56
CAU Y01 F . 32.72 -6.61 -7.63
CAS Y01 F . 32.14 -7.27 -8.88
CBF Y01 F . 30.61 -7.23 -8.94
CBD Y01 F . 30.07 -5.81 -8.70
CAK Y01 F . 28.54 -5.85 -8.56
CAI Y01 F . 27.89 -6.76 -9.54
CAZ Y01 F . 28.52 -7.66 -10.29
CAV Y01 F . 27.78 -8.45 -11.33
CBH Y01 F . 30.03 -7.87 -10.23
CAD Y01 F . 30.65 -7.28 -11.51
CAT Y01 F . 30.28 -9.40 -10.19
CAR Y01 F . 29.60 -10.17 -11.31
CBC Y01 F . 28.10 -9.94 -11.27
OAW Y01 F . 27.57 -10.62 -12.41
CAY Y01 F . 26.28 -10.99 -12.43
OAG Y01 F . 25.54 -10.83 -11.51
CAM Y01 F . 25.93 -11.63 -13.76
CAL Y01 F . 24.44 -11.76 -14.00
CAX Y01 F . 23.88 -10.86 -15.11
OAH Y01 F . 22.68 -10.51 -14.98
OAF Y01 F . 24.64 -10.53 -16.05
HAA1 Y01 F . 38.00 -0.30 -3.81
HAA2 Y01 F . 37.89 0.51 -5.15
HAA3 Y01 F . 37.05 0.94 -3.90
HBA Y01 F . 35.63 -0.14 -5.39
HAB1 Y01 F . 36.04 -2.31 -6.18
HAB2 Y01 F . 37.28 -1.42 -6.52
HAB3 Y01 F . 37.34 -2.41 -5.32
HAN1 Y01 F . 34.62 -0.72 -3.60
HAN2 Y01 F . 35.92 -1.07 -2.87
HAJ1 Y01 F . 34.86 -3.00 -2.75
HAJ2 Y01 F . 35.78 -3.26 -3.96
HAO1 Y01 F . 33.09 -3.39 -3.88
HAO2 Y01 F . 33.41 -2.17 -4.77
HBB Y01 F . 34.16 -3.42 -6.45
HAC1 Y01 F . 35.81 -4.77 -5.72
HAC2 Y01 F . 34.73 -5.85 -5.99
HAC3 Y01 F . 34.94 -5.33 -4.54
HBE Y01 F . 32.28 -5.21 -5.40
HAP1 Y01 F . 31.71 -2.56 -6.21
HAP2 Y01 F . 31.03 -3.38 -5.07
HAQ1 Y01 F . 30.13 -3.25 -7.68
HAQ2 Y01 F . 29.39 -3.94 -6.50
HBG Y01 F . 30.48 -5.88 -6.73
HBD Y01 F . 30.29 -5.25 -9.45
HAE1 Y01 F . 32.47 -4.57 -9.43
HAE2 Y01 F . 32.46 -3.34 -8.48
HAE3 Y01 F . 33.73 -4.24 -8.59
HAU1 Y01 F . 32.54 -7.16 -6.86
HAU2 Y01 F . 33.70 -6.59 -7.71
HAS1 Y01 F . 32.51 -6.85 -9.65
HAS2 Y01 F . 32.44 -8.19 -8.91
HBF Y01 F . 30.28 -7.77 -8.21
HAK1 Y01 F . 28.19 -4.96 -8.67
HAK2 Y01 F . 28.30 -6.11 -7.66
HAI Y01 F . 26.97 -6.68 -9.64
HAV1 Y01 F . 27.98 -8.08 -12.21
HAV2 Y01 F . 26.82 -8.34 -11.21
HBC Y01 F . 27.73 -10.32 -10.47
HAD1 Y01 F . 31.57 -7.56 -11.61
HAD2 Y01 F . 30.65 -6.30 -11.49
HAD3 Y01 F . 30.16 -7.55 -12.30
HAT1 Y01 F . 29.99 -9.75 -9.34
HAT2 Y01 F . 31.24 -9.55 -10.24
HAR1 Y01 F . 29.96 -9.91 -12.17
HAR2 Y01 F . 29.78 -11.11 -11.20
HAM1 Y01 F . 26.36 -12.49 -13.78
HAM2 Y01 F . 26.36 -11.11 -14.46
HAL1 Y01 F . 23.95 -11.56 -13.18
HAL2 Y01 F . 24.22 -12.68 -14.21
CAA Y01 G . -4.69 -13.04 -13.90
CBA Y01 G . -6.20 -13.08 -14.18
CAB Y01 G . -6.64 -14.49 -14.55
CAN Y01 G . -7.01 -12.57 -13.00
CAJ Y01 G . -6.87 -11.07 -12.71
CAO Y01 G . -7.68 -10.62 -11.50
CBB Y01 G . -7.46 -9.15 -11.10
CAC Y01 G . -7.99 -8.24 -12.20
CBE Y01 G . -8.04 -8.81 -9.72
CAP Y01 G . -7.68 -9.85 -8.62
CAQ Y01 G . -7.63 -9.09 -7.27
CBG Y01 G . -8.14 -7.70 -7.62
CBI Y01 G . -7.66 -7.45 -9.05
CAE Y01 G . -6.13 -7.24 -9.12
CAU Y01 G . -8.40 -6.22 -9.55
CAS Y01 G . -8.20 -5.02 -8.62
CBF Y01 G . -8.56 -5.29 -7.16
CBD Y01 G . -7.89 -6.57 -6.64
CAK Y01 G . -8.44 -6.93 -5.26
CAI Y01 G . -8.65 -5.74 -4.39
CAZ Y01 G . -8.62 -4.47 -4.79
CAV Y01 G . -8.82 -3.35 -3.79
CBH Y01 G . -8.33 -4.07 -6.22
CAD Y01 G . -6.87 -3.56 -6.29
CAT Y01 G . -9.28 -2.93 -6.64
CAR Y01 G . -9.38 -1.79 -5.64
CBC Y01 G . -9.82 -2.32 -4.30
OAW Y01 G . -9.90 -1.21 -3.39
CAY Y01 G . -10.49 -1.39 -2.21
OAG Y01 G . -11.18 -2.35 -1.94
CAM Y01 G . -10.21 -0.24 -1.28
CAL Y01 G . -10.96 -0.32 0.04
CAX Y01 G . -10.54 0.71 1.09
OAH Y01 G . -10.68 1.91 0.76
OAF Y01 G . -10.09 0.30 2.17
HAA1 Y01 G . -4.18 -13.44 -14.62
HAA2 Y01 G . -4.39 -12.12 -13.81
HAA3 Y01 G . -4.48 -13.51 -13.09
HBA Y01 G . -6.38 -12.50 -14.94
HAB1 Y01 G . -7.59 -14.51 -14.78
HAB2 Y01 G . -6.15 -14.82 -15.32
HAB3 Y01 G . -6.50 -15.12 -13.82
HAN1 Y01 G . -7.95 -12.77 -13.15
HAN2 Y01 G . -6.77 -13.07 -12.20
HAJ1 Y01 G . -7.17 -10.56 -13.49
HAJ2 Y01 G . -5.93 -10.86 -12.60
HAO1 Y01 G . -8.63 -10.77 -11.66
HAO2 Y01 G . -7.44 -11.21 -10.77
HBB Y01 G . -6.50 -9.02 -11.05
HAC1 Y01 G . -7.30 -7.68 -12.59
HAC2 Y01 G . -8.67 -7.64 -11.87
HAC3 Y01 G . -8.39 -8.76 -12.92
HBE Y01 G . -9.01 -8.79 -9.82
HAP1 Y01 G . -8.34 -10.56 -8.59
HAP2 Y01 G . -6.84 -10.27 -8.81
HAQ1 Y01 G . -8.16 -9.53 -6.58
HAQ2 Y01 G . -6.72 -9.05 -6.93
HBG Y01 G . -9.11 -7.78 -7.69
HBD Y01 G . -6.93 -6.42 -6.55
HAE1 Y01 G . -5.86 -6.53 -8.54
HAE2 Y01 G . -5.63 -8.04 -8.84
HAE3 Y01 G . -5.84 -7.03 -10.01
HAU1 Y01 G . -8.13 -5.96 -10.45
HAU2 Y01 G . -9.35 -6.43 -9.60
HAS1 Y01 G . -7.27 -4.75 -8.69
HAS2 Y01 G . -8.70 -4.28 -8.96
HBF Y01 G . -9.51 -5.46 -7.14
HAK1 Y01 G . -7.83 -7.54 -4.81
HAK2 Y01 G . -9.28 -7.41 -5.35
HAI Y01 G . -8.86 -5.91 -3.50
HAV1 Y01 G . -9.11 -3.73 -2.95
HAV2 Y01 G . -7.97 -2.90 -3.63
HBC Y01 G . -10.69 -2.74 -4.39
HAD1 Y01 G . -6.67 -2.98 -5.55
HAD2 Y01 G . -6.24 -4.28 -6.27
HAD3 Y01 G . -6.71 -3.07 -7.12
HAT1 Y01 G . -9.01 -2.57 -7.50
HAT2 Y01 G . -10.17 -3.31 -6.77
HAR1 Y01 G . -8.53 -1.33 -5.56
HAR2 Y01 G . -10.03 -1.14 -5.97
HAM1 Y01 G . -10.42 0.57 -1.75
HAM2 Y01 G . -9.25 -0.21 -1.12
HAL1 Y01 G . -10.86 -1.20 0.43
HAL2 Y01 G . -11.91 -0.22 -0.12
N ORN H . 12.38 -6.15 -9.49
CA ORN H . 13.71 -5.51 -9.69
CB ORN H . 13.56 -4.17 -10.42
CG ORN H . 14.78 -3.75 -11.22
CD ORN H . 15.11 -4.71 -12.35
NE ORN H . 16.19 -5.66 -12.05
C ORN H . 14.27 -5.31 -8.31
O ORN H . 15.18 -4.49 -8.17
OXT ORN H . 13.72 -5.97 -7.42
HB2 ORN H . 13.37 -3.47 -9.75
HB3 ORN H . 12.79 -4.22 -11.02
HG2 ORN H . 15.56 -3.70 -10.62
HG3 ORN H . 14.63 -2.86 -11.60
HD2 ORN H . 15.35 -4.20 -13.15
HD3 ORN H . 14.29 -5.22 -12.56
HE1 ORN H . 16.01 -6.12 -11.32
HE2 ORN H . 16.29 -6.24 -12.71
#